data_4O1L
#
_entry.id   4O1L
#
_cell.length_a   67.310
_cell.length_b   156.590
_cell.length_c   58.210
_cell.angle_alpha   90.000
_cell.angle_beta   90.000
_cell.angle_gamma   90.000
#
_symmetry.space_group_name_H-M   'P 21 21 2'
#
loop_
_entity.id
_entity.type
_entity.pdbx_description
1 polymer 'Adenosine kinase'
2 non-polymer 'MAGNESIUM ION'
3 non-polymer 5-ethynyl-7-(beta-D-ribofuranosyl)-7H-pyrrolo[2,3-d]pyrimidin-4-amine
4 water water
#
_entity_poly.entity_id   1
_entity_poly.type   'polypeptide(L)'
_entity_poly.pdbx_seq_one_letter_code
;APQALRENILFGMGNPLLDISAVVDKDFLDKYSLKPNDQILAEDKHKELFDELVKKFKVEYHAGGSTQNSIKVAQWMIQQ
PHKAATFFGCIGIDKFGEILKRKAAEAHVDAHYYEQNEQPTGTCAACITGDNRSLIANLAAANCYKKEKHLDLEKNWMLV
EKARVCYIAGFFLTVSPESVLKVAHHASENNRIFTLNLSAPFISQFYKESLMKVMPYVDILFGNETEAATFAREQGFETK
DIKEIAKKTQALPKMNSKRQRIVIFTQGRDDTIMATESEVTAFAVLDQDQKEIIDTNGAGDAFVGGFLSQLVSDKPLTEC
IRAGHYAASIIIRRTGCTFPEKPDFH
;
_entity_poly.pdbx_strand_id   A,B
#
loop_
_chem_comp.id
_chem_comp.type
_chem_comp.name
_chem_comp.formula
HO4 non-polymer 5-ethynyl-7-(beta-D-ribofuranosyl)-7H-pyrrolo[2,3-d]pyrimidin-4-amine 'C13 H14 N4 O4'
MG non-polymer 'MAGNESIUM ION' 'Mg 2'
#
# COMPACT_ATOMS: atom_id res chain seq x y z
N LEU A 5 -4.19 25.49 -15.49
CA LEU A 5 -4.67 24.07 -15.60
C LEU A 5 -4.76 23.61 -17.07
N ARG A 6 -4.09 22.52 -17.42
CA ARG A 6 -4.14 22.02 -18.80
C ARG A 6 -5.35 21.11 -18.95
N GLU A 7 -5.65 20.69 -20.17
CA GLU A 7 -6.70 19.72 -20.38
C GLU A 7 -6.37 18.41 -19.67
N ASN A 8 -7.41 17.79 -19.10
CA ASN A 8 -7.28 16.48 -18.47
C ASN A 8 -6.42 16.48 -17.19
N ILE A 9 -6.26 17.63 -16.57
CA ILE A 9 -5.53 17.74 -15.31
C ILE A 9 -6.23 17.04 -14.14
N LEU A 10 -7.56 16.97 -14.18
CA LEU A 10 -8.36 16.29 -13.16
C LEU A 10 -9.01 15.09 -13.80
N PHE A 11 -8.85 13.91 -13.19
CA PHE A 11 -9.47 12.67 -13.63
C PHE A 11 -10.49 12.10 -12.66
N GLY A 12 -11.68 11.77 -13.16
CA GLY A 12 -12.68 11.07 -12.39
C GLY A 12 -13.30 9.90 -13.14
N MET A 13 -13.67 8.86 -12.41
CA MET A 13 -14.46 7.76 -12.96
C MET A 13 -15.44 7.29 -11.90
N GLY A 14 -16.58 6.82 -12.35
CA GLY A 14 -17.58 6.28 -11.46
C GLY A 14 -18.80 5.83 -12.22
N ASN A 15 -19.93 5.78 -11.53
CA ASN A 15 -21.23 5.40 -12.08
C ASN A 15 -22.04 6.57 -12.66
N PRO A 16 -22.14 6.66 -14.00
CA PRO A 16 -22.98 7.72 -14.58
C PRO A 16 -24.44 7.33 -14.42
N LEU A 17 -25.22 8.08 -13.63
CA LEU A 17 -26.62 7.74 -13.40
C LEU A 17 -27.48 8.92 -13.84
N LEU A 18 -28.67 8.62 -14.35
CA LEU A 18 -29.70 9.59 -14.46
C LEU A 18 -30.60 9.49 -13.24
N ASP A 19 -30.79 10.62 -12.55
CA ASP A 19 -31.59 10.66 -11.34
C ASP A 19 -33.02 10.99 -11.72
N ILE A 20 -33.93 10.25 -11.11
CA ILE A 20 -35.35 10.34 -11.31
C ILE A 20 -35.79 10.66 -9.90
N SER A 21 -36.21 11.90 -9.62
CA SER A 21 -36.61 12.26 -8.27
C SER A 21 -38.07 12.67 -8.18
N ALA A 22 -38.70 12.36 -7.05
CA ALA A 22 -40.07 12.77 -6.85
C ALA A 22 -40.32 12.80 -5.36
N VAL A 23 -41.29 13.63 -4.97
CA VAL A 23 -41.91 13.54 -3.65
C VAL A 23 -42.87 12.36 -3.66
N VAL A 24 -42.59 11.39 -2.80
CA VAL A 24 -43.40 10.19 -2.69
C VAL A 24 -44.19 10.29 -1.39
N ASP A 25 -44.93 9.26 -1.01
CA ASP A 25 -45.61 9.31 0.30
C ASP A 25 -45.14 8.11 1.13
N LYS A 26 -45.62 8.04 2.36
CA LYS A 26 -45.27 7.03 3.32
C LYS A 26 -45.62 5.64 2.78
N ASP A 27 -46.73 5.52 2.09
CA ASP A 27 -47.15 4.23 1.51
C ASP A 27 -46.10 3.59 0.60
N PHE A 28 -45.44 4.40 -0.21
CA PHE A 28 -44.40 3.98 -1.12
C PHE A 28 -43.19 3.56 -0.35
N LEU A 29 -42.73 4.39 0.59
CA LEU A 29 -41.67 3.94 1.50
C LEU A 29 -41.96 2.59 2.13
N ASP A 30 -43.19 2.43 2.64
CA ASP A 30 -43.55 1.19 3.34
C ASP A 30 -43.62 0.03 2.39
N LYS A 31 -44.20 0.25 1.21
CA LYS A 31 -44.33 -0.80 0.19
C LYS A 31 -42.96 -1.42 -0.14
N TYR A 32 -41.92 -0.60 -0.32
CA TYR A 32 -40.58 -1.07 -0.56
C TYR A 32 -39.65 -1.08 0.65
N SER A 33 -40.21 -0.96 1.87
CA SER A 33 -39.44 -1.06 3.10
C SER A 33 -38.21 -0.19 3.02
N LEU A 34 -38.42 1.08 2.70
CA LEU A 34 -37.33 2.02 2.56
C LEU A 34 -37.07 2.85 3.83
N LYS A 35 -35.82 3.21 4.04
CA LYS A 35 -35.45 4.14 5.09
C LYS A 35 -35.72 5.53 4.51
N PRO A 36 -36.48 6.38 5.23
CA PRO A 36 -36.75 7.72 4.71
C PRO A 36 -35.49 8.45 4.27
N ASN A 37 -34.41 8.26 5.01
CA ASN A 37 -33.09 8.83 4.73
C ASN A 37 -32.05 7.75 4.56
N ASP A 38 -31.72 7.39 3.33
CA ASP A 38 -30.79 6.32 3.11
C ASP A 38 -30.25 6.41 1.67
N GLN A 39 -29.26 5.59 1.35
CA GLN A 39 -28.73 5.43 0.02
C GLN A 39 -28.46 3.93 -0.12
N ILE A 40 -29.17 3.20 -1.00
CA ILE A 40 -28.94 1.74 -1.17
C ILE A 40 -28.76 1.34 -2.65
N LEU A 41 -28.16 0.19 -2.92
CA LEU A 41 -28.24 -0.39 -4.28
C LEU A 41 -29.56 -1.17 -4.47
N ALA A 42 -30.11 -1.11 -5.68
CA ALA A 42 -31.37 -1.79 -6.01
C ALA A 42 -31.19 -3.27 -5.99
N GLU A 43 -32.01 -3.95 -5.18
CA GLU A 43 -32.05 -5.39 -5.17
C GLU A 43 -33.30 -5.83 -5.92
N ASP A 44 -33.56 -7.13 -5.95
CA ASP A 44 -34.68 -7.69 -6.68
C ASP A 44 -36.02 -7.18 -6.16
N LYS A 45 -36.12 -7.07 -4.84
CA LYS A 45 -37.31 -6.54 -4.20
C LYS A 45 -37.63 -5.09 -4.58
N HIS A 46 -36.73 -4.45 -5.33
CA HIS A 46 -36.90 -3.08 -5.82
C HIS A 46 -37.13 -2.97 -7.30
N LYS A 47 -37.29 -4.07 -8.00
CA LYS A 47 -37.45 -3.99 -9.44
C LYS A 47 -38.68 -3.10 -9.81
N GLU A 48 -39.83 -3.36 -9.21
CA GLU A 48 -41.09 -2.62 -9.52
C GLU A 48 -41.06 -1.12 -9.23
N LEU A 49 -40.24 -0.74 -8.26
CA LEU A 49 -40.15 0.63 -7.76
C LEU A 49 -39.89 1.69 -8.82
N PHE A 50 -39.03 1.40 -9.79
CA PHE A 50 -38.68 2.44 -10.76
C PHE A 50 -39.84 2.74 -11.73
N ASP A 51 -40.58 1.70 -12.11
CA ASP A 51 -41.76 1.88 -12.96
C ASP A 51 -42.84 2.61 -12.19
N GLU A 52 -43.06 2.21 -10.95
CA GLU A 52 -44.13 2.78 -10.14
C GLU A 52 -43.87 4.26 -9.81
N LEU A 53 -42.60 4.65 -9.76
CA LEU A 53 -42.23 6.03 -9.49
C LEU A 53 -42.63 6.94 -10.65
N VAL A 54 -42.20 6.55 -11.85
CA VAL A 54 -42.47 7.28 -13.08
C VAL A 54 -43.98 7.34 -13.31
N LYS A 55 -44.68 6.23 -13.09
CA LYS A 55 -46.10 6.16 -13.38
C LYS A 55 -46.96 6.96 -12.41
N LYS A 56 -46.73 6.79 -11.10
CA LYS A 56 -47.64 7.30 -10.05
C LYS A 56 -47.25 8.66 -9.42
N PHE A 57 -46.03 9.15 -9.66
CA PHE A 57 -45.58 10.42 -9.04
C PHE A 57 -45.09 11.41 -10.08
N LYS A 58 -44.94 12.67 -9.67
CA LYS A 58 -44.53 13.74 -10.55
C LYS A 58 -43.02 13.84 -10.49
N VAL A 59 -42.35 13.15 -11.40
CA VAL A 59 -40.90 12.95 -11.32
C VAL A 59 -40.17 14.04 -12.09
N GLU A 60 -38.93 14.28 -11.70
CA GLU A 60 -38.03 15.10 -12.51
C GLU A 60 -36.79 14.30 -12.82
N TYR A 61 -36.14 14.69 -13.92
CA TYR A 61 -34.97 14.04 -14.47
C TYR A 61 -33.78 14.96 -14.45
N HIS A 62 -32.69 14.52 -13.82
CA HIS A 62 -31.41 15.23 -13.85
C HIS A 62 -30.28 14.24 -14.03
N ALA A 63 -29.27 14.63 -14.82
CA ALA A 63 -28.01 13.90 -14.92
C ALA A 63 -27.26 13.82 -13.56
N GLY A 64 -26.83 12.62 -13.16
CA GLY A 64 -26.28 12.38 -11.83
C GLY A 64 -25.11 11.42 -11.74
N GLY A 65 -25.02 10.68 -10.64
CA GLY A 65 -23.82 9.92 -10.36
C GLY A 65 -22.92 10.83 -9.56
N SER A 66 -22.47 10.33 -8.40
CA SER A 66 -21.75 11.16 -7.44
C SER A 66 -20.46 11.72 -8.06
N THR A 67 -19.59 10.86 -8.58
CA THR A 67 -18.34 11.33 -9.07
C THR A 67 -18.63 12.25 -10.23
N GLN A 68 -19.52 11.83 -11.13
CA GLN A 68 -19.88 12.69 -12.25
C GLN A 68 -20.33 14.10 -11.88
N ASN A 69 -21.20 14.24 -10.88
CA ASN A 69 -21.54 15.55 -10.30
C ASN A 69 -20.33 16.38 -9.89
N SER A 70 -19.48 15.77 -9.07
CA SER A 70 -18.27 16.44 -8.55
C SER A 70 -17.33 16.91 -9.65
N ILE A 71 -17.15 16.07 -10.67
CA ILE A 71 -16.31 16.44 -11.81
C ILE A 71 -16.90 17.63 -12.62
N LYS A 72 -18.20 17.67 -12.88
CA LYS A 72 -18.84 18.82 -13.52
C LYS A 72 -18.66 20.11 -12.69
N VAL A 73 -18.97 20.08 -11.40
CA VAL A 73 -18.78 21.23 -10.54
C VAL A 73 -17.28 21.63 -10.52
N ALA A 74 -16.37 20.64 -10.57
CA ALA A 74 -14.95 20.94 -10.60
C ALA A 74 -14.57 21.72 -11.86
N GLN A 75 -15.07 21.27 -13.01
CA GLN A 75 -14.88 21.93 -14.34
C GLN A 75 -15.47 23.32 -14.41
N TRP A 76 -16.64 23.49 -13.85
CA TRP A 76 -17.26 24.81 -13.72
C TRP A 76 -16.41 25.80 -12.94
N MET A 77 -15.96 25.44 -11.75
CA MET A 77 -15.19 26.36 -10.90
C MET A 77 -13.81 26.63 -11.47
N ILE A 78 -13.23 25.63 -12.15
CA ILE A 78 -11.92 25.73 -12.79
C ILE A 78 -12.10 26.73 -13.93
N GLN A 79 -13.21 26.60 -14.67
CA GLN A 79 -13.59 27.47 -15.80
C GLN A 79 -12.73 27.25 -17.03
N GLN A 80 -11.41 27.39 -16.90
CA GLN A 80 -10.50 27.30 -18.05
C GLN A 80 -9.37 26.34 -17.71
N PRO A 81 -8.98 25.47 -18.65
CA PRO A 81 -9.50 25.32 -20.03
C PRO A 81 -10.76 24.47 -20.08
N HIS A 82 -11.41 24.44 -21.24
CA HIS A 82 -12.47 23.49 -21.40
C HIS A 82 -11.81 22.18 -21.31
N LYS A 83 -12.49 21.21 -20.72
CA LYS A 83 -11.96 19.85 -20.58
C LYS A 83 -10.76 19.76 -19.65
N ALA A 84 -10.77 20.55 -18.57
CA ALA A 84 -9.78 20.39 -17.51
C ALA A 84 -9.99 19.07 -16.76
N ALA A 85 -11.24 18.61 -16.73
CA ALA A 85 -11.64 17.45 -15.98
C ALA A 85 -12.10 16.33 -16.93
N THR A 86 -11.65 15.12 -16.65
CA THR A 86 -12.01 13.92 -17.39
C THR A 86 -12.97 13.06 -16.59
N PHE A 87 -13.94 12.43 -17.26
CA PHE A 87 -14.81 11.43 -16.61
C PHE A 87 -14.94 10.18 -17.44
N PHE A 88 -14.70 9.02 -16.80
CA PHE A 88 -14.88 7.71 -17.41
C PHE A 88 -16.08 7.02 -16.73
N GLY A 89 -16.83 6.25 -17.49
CA GLY A 89 -17.83 5.36 -16.87
C GLY A 89 -18.62 4.66 -17.93
N CYS A 90 -19.56 3.83 -17.53
CA CYS A 90 -20.30 3.02 -18.48
C CYS A 90 -21.75 3.36 -18.51
N ILE A 91 -22.29 3.49 -19.72
CA ILE A 91 -23.70 3.80 -19.96
C ILE A 91 -24.28 2.88 -21.03
N GLY A 92 -25.60 2.92 -21.18
CA GLY A 92 -26.27 2.20 -22.25
C GLY A 92 -26.47 3.09 -23.46
N ILE A 93 -26.82 2.49 -24.59
CA ILE A 93 -27.09 3.26 -25.80
C ILE A 93 -28.61 3.45 -25.94
N ASP A 94 -29.08 4.57 -25.39
CA ASP A 94 -30.49 4.79 -25.17
C ASP A 94 -30.69 6.23 -24.79
N LYS A 95 -31.94 6.61 -24.64
CA LYS A 95 -32.32 8.00 -24.38
C LYS A 95 -31.54 8.58 -23.22
N PHE A 96 -31.54 7.87 -22.09
CA PHE A 96 -30.88 8.33 -20.85
C PHE A 96 -29.39 8.46 -21.01
N GLY A 97 -28.80 7.49 -21.70
CA GLY A 97 -27.45 7.62 -22.22
C GLY A 97 -27.14 8.94 -22.91
N GLU A 98 -27.97 9.31 -23.89
CA GLU A 98 -27.71 10.52 -24.68
C GLU A 98 -27.88 11.78 -23.85
N ILE A 99 -28.86 11.85 -22.96
CA ILE A 99 -28.95 12.99 -22.01
C ILE A 99 -27.65 13.20 -21.22
N LEU A 100 -27.08 12.10 -20.72
CA LEU A 100 -25.85 12.17 -19.95
C LEU A 100 -24.70 12.67 -20.82
N LYS A 101 -24.54 12.11 -22.02
CA LYS A 101 -23.49 12.61 -22.93
C LYS A 101 -23.59 14.10 -23.20
N ARG A 102 -24.80 14.54 -23.49
CA ARG A 102 -25.10 15.95 -23.77
C ARG A 102 -24.75 16.80 -22.55
N LYS A 103 -25.20 16.40 -21.36
CA LYS A 103 -24.93 17.19 -20.14
C LYS A 103 -23.45 17.30 -19.81
N ALA A 104 -22.68 16.23 -19.98
CA ALA A 104 -21.26 16.33 -19.76
C ALA A 104 -20.60 17.30 -20.74
N ALA A 105 -20.99 17.24 -22.00
CA ALA A 105 -20.38 18.12 -23.06
C ALA A 105 -20.73 19.56 -22.81
N GLU A 106 -22.00 19.84 -22.48
CA GLU A 106 -22.41 21.19 -22.13
C GLU A 106 -21.66 21.69 -20.91
N ALA A 107 -21.33 20.77 -19.99
CA ALA A 107 -20.53 21.09 -18.83
C ALA A 107 -19.05 21.27 -19.15
N HIS A 108 -18.63 20.99 -20.39
CA HIS A 108 -17.24 21.13 -20.84
C HIS A 108 -16.29 20.13 -20.19
N VAL A 109 -16.82 18.94 -19.92
CA VAL A 109 -16.07 17.88 -19.28
C VAL A 109 -15.72 16.93 -20.39
N ASP A 110 -14.56 16.31 -20.27
CA ASP A 110 -14.06 15.42 -21.29
C ASP A 110 -14.51 14.03 -20.93
N ALA A 111 -15.77 13.71 -21.21
CA ALA A 111 -16.36 12.43 -20.82
C ALA A 111 -16.09 11.37 -21.89
N HIS A 112 -15.46 10.26 -21.50
CA HIS A 112 -15.19 9.16 -22.39
C HIS A 112 -15.87 8.02 -21.74
N TYR A 113 -17.05 7.70 -22.26
CA TYR A 113 -17.89 6.63 -21.73
C TYR A 113 -17.62 5.36 -22.46
N TYR A 114 -17.82 4.26 -21.77
CA TYR A 114 -17.93 2.97 -22.37
C TYR A 114 -19.41 2.73 -22.59
N GLU A 115 -19.80 2.61 -23.85
CA GLU A 115 -21.17 2.39 -24.25
C GLU A 115 -21.41 0.94 -24.73
N GLN A 116 -22.54 0.38 -24.29
CA GLN A 116 -22.88 -0.97 -24.62
C GLN A 116 -24.42 -1.18 -24.56
N ASN A 117 -24.90 -2.29 -25.11
CA ASN A 117 -26.33 -2.48 -25.37
C ASN A 117 -27.08 -3.49 -24.51
N GLU A 118 -26.37 -4.42 -23.87
CA GLU A 118 -27.01 -5.39 -22.99
C GLU A 118 -27.76 -4.73 -21.79
N GLN A 119 -27.18 -3.69 -21.17
CA GLN A 119 -27.84 -2.97 -20.07
C GLN A 119 -28.25 -1.50 -20.35
N PRO A 120 -29.46 -1.09 -19.92
CA PRO A 120 -29.80 0.33 -20.04
C PRO A 120 -28.93 1.21 -19.14
N THR A 121 -28.82 2.48 -19.48
CA THR A 121 -28.13 3.45 -18.62
C THR A 121 -28.68 3.38 -17.18
N GLY A 122 -27.79 3.52 -16.21
CA GLY A 122 -28.17 3.36 -14.83
C GLY A 122 -29.05 4.51 -14.43
N THR A 123 -29.94 4.25 -13.51
CA THR A 123 -30.76 5.30 -12.90
C THR A 123 -30.67 5.21 -11.39
N CYS A 124 -30.98 6.33 -10.73
CA CYS A 124 -31.07 6.44 -9.27
C CYS A 124 -32.40 7.09 -8.91
N ALA A 125 -33.20 6.41 -8.10
CA ALA A 125 -34.47 6.92 -7.69
C ALA A 125 -34.28 7.73 -6.43
N ALA A 126 -34.67 9.01 -6.43
CA ALA A 126 -34.69 9.82 -5.19
C ALA A 126 -36.13 9.98 -4.76
N CYS A 127 -36.47 9.39 -3.62
CA CYS A 127 -37.84 9.35 -3.10
C CYS A 127 -37.92 10.26 -1.90
N ILE A 128 -38.51 11.44 -2.12
CA ILE A 128 -38.50 12.51 -1.14
C ILE A 128 -39.75 12.40 -0.29
N THR A 129 -39.61 12.57 1.02
CA THR A 129 -40.74 12.80 1.92
C THR A 129 -40.27 13.86 2.91
N GLY A 130 -40.91 15.02 2.89
CA GLY A 130 -40.53 16.13 3.78
C GLY A 130 -39.12 16.57 3.44
N ASP A 131 -38.26 16.66 4.44
CA ASP A 131 -36.82 16.87 4.19
C ASP A 131 -36.02 15.56 4.08
N ASN A 132 -36.68 14.41 4.02
CA ASN A 132 -35.95 13.15 3.84
C ASN A 132 -35.77 12.81 2.34
N ARG A 133 -34.63 12.20 2.02
CA ARG A 133 -34.37 11.64 0.71
C ARG A 133 -33.97 10.21 0.86
N SER A 134 -34.64 9.33 0.15
CA SER A 134 -34.31 7.92 0.18
C SER A 134 -33.86 7.52 -1.20
N LEU A 135 -32.54 7.35 -1.39
CA LEU A 135 -31.95 7.05 -2.71
C LEU A 135 -31.80 5.56 -2.96
N ILE A 136 -32.24 5.06 -4.11
CA ILE A 136 -31.99 3.71 -4.50
C ILE A 136 -31.37 3.66 -5.89
N ALA A 137 -30.19 3.11 -6.02
CA ALA A 137 -29.48 3.11 -7.31
C ALA A 137 -29.70 1.80 -8.06
N ASN A 138 -30.18 1.90 -9.30
CA ASN A 138 -30.21 0.77 -10.21
C ASN A 138 -29.05 0.99 -11.18
N LEU A 139 -27.87 0.51 -10.80
CA LEU A 139 -26.64 0.79 -11.49
C LEU A 139 -26.69 0.35 -12.96
N ALA A 140 -27.13 -0.89 -13.20
CA ALA A 140 -27.34 -1.43 -14.56
C ALA A 140 -26.09 -1.28 -15.42
N ALA A 141 -26.18 -0.52 -16.51
CA ALA A 141 -25.02 -0.19 -17.31
C ALA A 141 -23.80 0.25 -16.49
N ALA A 142 -24.01 1.11 -15.50
CA ALA A 142 -22.87 1.57 -14.69
C ALA A 142 -22.05 0.41 -14.16
N ASN A 143 -22.72 -0.64 -13.74
CA ASN A 143 -22.06 -1.81 -13.20
C ASN A 143 -21.35 -2.72 -14.23
N CYS A 144 -21.31 -2.33 -15.52
CA CYS A 144 -20.73 -3.14 -16.59
C CYS A 144 -19.30 -2.70 -16.92
N TYR A 145 -18.84 -1.64 -16.24
CA TYR A 145 -17.53 -1.08 -16.48
C TYR A 145 -16.49 -2.12 -16.17
N LYS A 146 -15.53 -2.26 -17.08
CA LYS A 146 -14.47 -3.26 -16.96
C LYS A 146 -13.19 -2.63 -17.43
N LYS A 147 -12.11 -2.75 -16.64
CA LYS A 147 -10.86 -2.07 -17.01
C LYS A 147 -10.42 -2.47 -18.42
N GLU A 148 -10.63 -3.72 -18.79
CA GLU A 148 -10.05 -4.29 -20.00
C GLU A 148 -10.75 -3.80 -21.25
N LYS A 149 -12.02 -3.48 -21.10
CA LYS A 149 -12.81 -2.96 -22.20
C LYS A 149 -12.68 -1.46 -22.40
N HIS A 150 -12.11 -0.73 -21.43
CA HIS A 150 -12.10 0.71 -21.51
C HIS A 150 -10.88 1.38 -20.90
N LEU A 151 -10.71 1.28 -19.59
CA LEU A 151 -9.65 1.98 -18.90
C LEU A 151 -8.27 1.59 -19.42
N ASP A 152 -8.08 0.30 -19.70
CA ASP A 152 -6.84 -0.26 -20.18
C ASP A 152 -6.49 0.13 -21.63
N LEU A 153 -7.48 0.29 -22.50
CA LEU A 153 -7.20 0.71 -23.89
C LEU A 153 -6.34 1.98 -23.87
N GLU A 154 -5.25 2.01 -24.64
CA GLU A 154 -4.23 3.03 -24.48
C GLU A 154 -4.68 4.43 -24.80
N LYS A 155 -5.69 4.59 -25.64
CA LYS A 155 -6.18 5.96 -25.88
C LYS A 155 -6.93 6.58 -24.64
N ASN A 156 -7.49 5.74 -23.77
CA ASN A 156 -8.13 6.15 -22.54
C ASN A 156 -7.09 6.20 -21.40
N TRP A 157 -6.23 5.19 -21.32
CA TRP A 157 -5.23 5.20 -20.28
C TRP A 157 -4.28 6.41 -20.37
N MET A 158 -3.99 6.88 -21.58
CA MET A 158 -3.19 8.08 -21.84
C MET A 158 -3.80 9.29 -21.12
N LEU A 159 -5.13 9.43 -21.17
CA LEU A 159 -5.81 10.51 -20.52
C LEU A 159 -5.69 10.46 -18.98
N VAL A 160 -5.62 9.27 -18.41
CA VAL A 160 -5.40 9.14 -16.97
C VAL A 160 -3.98 9.57 -16.64
N GLU A 161 -3.02 9.25 -17.50
CA GLU A 161 -1.64 9.69 -17.28
C GLU A 161 -1.49 11.22 -17.26
N LYS A 162 -2.35 11.91 -18.00
CA LYS A 162 -2.31 13.37 -18.04
C LYS A 162 -2.68 13.99 -16.72
N ALA A 163 -3.36 13.22 -15.86
CA ALA A 163 -4.01 13.73 -14.68
C ALA A 163 -3.00 13.93 -13.58
N ARG A 164 -3.13 15.07 -12.92
CA ARG A 164 -2.37 15.42 -11.77
C ARG A 164 -3.13 15.19 -10.45
N VAL A 165 -4.45 15.08 -10.54
CA VAL A 165 -5.36 14.81 -9.41
C VAL A 165 -6.41 13.81 -9.90
N CYS A 166 -6.65 12.77 -9.10
CA CYS A 166 -7.68 11.78 -9.39
C CYS A 166 -8.75 11.75 -8.31
N TYR A 167 -10.00 11.61 -8.73
CA TYR A 167 -11.08 11.52 -7.78
C TYR A 167 -11.99 10.40 -8.17
N ILE A 168 -12.29 9.51 -7.22
CA ILE A 168 -13.25 8.46 -7.46
C ILE A 168 -14.11 8.28 -6.25
N ALA A 169 -15.42 8.27 -6.40
CA ALA A 169 -16.29 8.01 -5.24
C ALA A 169 -16.12 6.58 -4.80
N GLY A 170 -16.24 6.33 -3.52
CA GLY A 170 -16.23 4.96 -3.04
C GLY A 170 -17.35 4.12 -3.68
N PHE A 171 -18.45 4.77 -4.10
CA PHE A 171 -19.50 4.08 -4.85
C PHE A 171 -18.95 3.11 -5.92
N PHE A 172 -17.90 3.49 -6.63
CA PHE A 172 -17.40 2.74 -7.77
C PHE A 172 -16.65 1.48 -7.33
N LEU A 173 -16.40 1.34 -6.02
CA LEU A 173 -15.86 0.12 -5.50
C LEU A 173 -16.85 -1.03 -5.59
N THR A 174 -18.14 -0.78 -5.72
CA THR A 174 -19.07 -1.92 -5.89
C THR A 174 -19.00 -2.50 -7.32
N VAL A 175 -18.38 -1.78 -8.24
CA VAL A 175 -18.47 -2.10 -9.64
C VAL A 175 -17.12 -2.60 -10.15
N SER A 176 -16.11 -1.74 -10.08
CA SER A 176 -14.79 -2.10 -10.55
C SER A 176 -13.63 -1.66 -9.63
N PRO A 177 -13.47 -2.34 -8.46
CA PRO A 177 -12.31 -2.18 -7.60
C PRO A 177 -10.99 -2.39 -8.33
N GLU A 178 -11.00 -3.15 -9.40
CA GLU A 178 -9.78 -3.35 -10.18
C GLU A 178 -9.38 -2.06 -10.86
N SER A 179 -10.36 -1.32 -11.37
CA SER A 179 -10.06 -0.07 -12.06
C SER A 179 -9.57 0.99 -11.05
N VAL A 180 -10.26 1.07 -9.92
CA VAL A 180 -9.92 2.00 -8.86
C VAL A 180 -8.47 1.76 -8.36
N LEU A 181 -8.12 0.51 -8.06
CA LEU A 181 -6.75 0.18 -7.66
C LEU A 181 -5.72 0.46 -8.74
N LYS A 182 -6.09 0.32 -10.02
CA LYS A 182 -5.09 0.64 -11.05
C LYS A 182 -4.83 2.15 -11.08
N VAL A 183 -5.87 2.98 -11.07
CA VAL A 183 -5.64 4.44 -10.99
C VAL A 183 -4.93 4.78 -9.67
N ALA A 184 -5.35 4.13 -8.57
CA ALA A 184 -4.82 4.41 -7.26
C ALA A 184 -3.34 4.16 -7.18
N HIS A 185 -2.94 2.99 -7.66
CA HIS A 185 -1.54 2.65 -7.67
C HIS A 185 -0.75 3.55 -8.57
N HIS A 186 -1.27 3.81 -9.77
CA HIS A 186 -0.64 4.75 -10.68
C HIS A 186 -0.39 6.12 -10.06
N ALA A 187 -1.39 6.70 -9.39
CA ALA A 187 -1.16 8.00 -8.74
C ALA A 187 0.01 7.90 -7.76
N SER A 188 0.00 6.85 -6.94
CA SER A 188 1.06 6.61 -5.99
C SER A 188 2.45 6.56 -6.64
N GLU A 189 2.62 5.77 -7.71
CA GLU A 189 3.91 5.57 -8.41
C GLU A 189 4.50 6.87 -8.91
N ASN A 190 3.62 7.74 -9.34
CA ASN A 190 3.99 8.97 -9.99
C ASN A 190 3.67 10.16 -9.12
N ASN A 191 3.55 9.93 -7.81
CA ASN A 191 3.19 10.98 -6.85
C ASN A 191 2.14 11.98 -7.39
N ARG A 192 1.03 11.46 -7.90
CA ARG A 192 -0.11 12.27 -8.25
C ARG A 192 -1.15 12.09 -7.16
N ILE A 193 -2.00 13.08 -6.94
CA ILE A 193 -2.85 13.04 -5.79
C ILE A 193 -4.04 12.16 -6.11
N PHE A 194 -4.31 11.19 -5.24
CA PHE A 194 -5.47 10.31 -5.40
C PHE A 194 -6.49 10.58 -4.30
N THR A 195 -7.74 10.79 -4.69
CA THR A 195 -8.78 11.14 -3.74
C THR A 195 -9.99 10.23 -3.89
N LEU A 196 -10.69 9.98 -2.79
CA LEU A 196 -11.82 9.09 -2.71
C LEU A 196 -12.85 9.61 -1.69
N ASN A 197 -14.11 9.19 -1.92
CA ASN A 197 -15.22 9.49 -1.06
C ASN A 197 -15.72 8.25 -0.36
N LEU A 198 -16.10 8.34 0.90
CA LEU A 198 -16.73 7.21 1.57
C LEU A 198 -18.10 6.90 0.90
N SER A 199 -18.73 7.94 0.35
CA SER A 199 -19.93 7.81 -0.47
C SER A 199 -21.26 7.42 0.25
N ALA A 200 -21.22 6.38 1.06
CA ALA A 200 -22.37 6.03 1.84
C ALA A 200 -22.03 4.91 2.83
N PRO A 201 -22.83 4.80 3.90
CA PRO A 201 -22.58 3.75 4.87
C PRO A 201 -22.46 2.31 4.29
N PHE A 202 -23.21 1.97 3.24
CA PHE A 202 -23.17 0.61 2.70
C PHE A 202 -21.80 0.30 2.11
N ILE A 203 -21.04 1.31 1.75
CA ILE A 203 -19.70 1.02 1.26
C ILE A 203 -18.85 0.41 2.37
N SER A 204 -18.87 1.01 3.54
CA SER A 204 -18.08 0.52 4.68
C SER A 204 -18.59 -0.77 5.25
N GLN A 205 -19.88 -1.02 5.16
CA GLN A 205 -20.50 -2.18 5.77
C GLN A 205 -20.30 -3.41 4.95
N PHE A 206 -20.41 -3.24 3.62
CA PHE A 206 -20.42 -4.35 2.70
C PHE A 206 -19.27 -4.45 1.70
N TYR A 207 -18.47 -3.41 1.54
CA TYR A 207 -17.32 -3.44 0.63
C TYR A 207 -16.00 -3.00 1.31
N LYS A 208 -15.86 -3.30 2.60
CA LYS A 208 -14.65 -2.90 3.31
C LYS A 208 -13.34 -3.59 2.94
N GLU A 209 -13.43 -4.77 2.32
CA GLU A 209 -12.25 -5.45 1.80
C GLU A 209 -11.63 -4.59 0.64
N SER A 210 -12.46 -4.16 -0.33
CA SER A 210 -12.05 -3.17 -1.32
C SER A 210 -11.75 -1.76 -0.77
N LEU A 211 -12.57 -1.28 0.16
CA LEU A 211 -12.34 0.04 0.74
C LEU A 211 -10.97 0.08 1.37
N MET A 212 -10.67 -0.86 2.26
CA MET A 212 -9.37 -0.93 2.93
C MET A 212 -8.23 -1.38 2.03
N LYS A 213 -8.50 -2.00 0.89
CA LYS A 213 -7.44 -2.19 -0.11
C LYS A 213 -6.94 -0.87 -0.71
N VAL A 214 -7.88 0.08 -0.91
CA VAL A 214 -7.62 1.35 -1.58
C VAL A 214 -7.24 2.48 -0.62
N MET A 215 -7.76 2.45 0.60
CA MET A 215 -7.47 3.48 1.60
C MET A 215 -5.97 3.83 1.73
N PRO A 216 -5.08 2.83 1.70
CA PRO A 216 -3.65 3.19 1.70
C PRO A 216 -3.20 4.11 0.59
N TYR A 217 -3.96 4.19 -0.50
CA TYR A 217 -3.62 5.02 -1.65
C TYR A 217 -4.30 6.37 -1.61
N VAL A 218 -5.12 6.62 -0.60
CA VAL A 218 -5.98 7.79 -0.62
C VAL A 218 -5.25 8.98 0.02
N ASP A 219 -4.99 9.98 -0.80
CA ASP A 219 -4.35 11.18 -0.37
C ASP A 219 -5.32 12.10 0.35
N ILE A 220 -6.52 12.21 -0.19
CA ILE A 220 -7.59 12.92 0.47
C ILE A 220 -8.87 12.08 0.46
N LEU A 221 -9.38 11.82 1.68
CA LEU A 221 -10.62 11.13 1.85
C LEU A 221 -11.65 12.16 2.19
N PHE A 222 -12.78 12.14 1.48
CA PHE A 222 -13.92 12.98 1.79
C PHE A 222 -15.04 12.11 2.36
N GLY A 223 -16.00 12.73 3.02
CA GLY A 223 -17.16 12.01 3.50
C GLY A 223 -18.04 12.88 4.40
N ASN A 224 -19.19 12.38 4.83
CA ASN A 224 -20.03 13.14 5.75
C ASN A 224 -20.01 12.47 7.10
N GLU A 225 -20.77 12.97 8.04
CA GLU A 225 -20.69 12.47 9.44
C GLU A 225 -21.19 11.05 9.66
N THR A 226 -22.19 10.60 8.93
CA THR A 226 -22.72 9.25 9.18
C THR A 226 -21.81 8.20 8.54
N GLU A 227 -21.31 8.52 7.34
CA GLU A 227 -20.27 7.72 6.71
C GLU A 227 -19.04 7.59 7.64
N ALA A 228 -18.56 8.70 8.20
CA ALA A 228 -17.48 8.66 9.21
C ALA A 228 -17.85 7.77 10.42
N ALA A 229 -19.10 7.87 10.92
CA ALA A 229 -19.51 7.05 12.05
C ALA A 229 -19.62 5.58 11.64
N THR A 230 -20.15 5.32 10.46
CA THR A 230 -20.25 3.92 10.04
C THR A 230 -18.85 3.34 9.85
N PHE A 231 -17.99 4.14 9.22
CA PHE A 231 -16.58 3.77 9.03
C PHE A 231 -15.86 3.49 10.37
N ALA A 232 -15.90 4.42 11.31
CA ALA A 232 -15.32 4.12 12.66
C ALA A 232 -15.94 2.87 13.31
N ARG A 233 -17.24 2.71 13.26
CA ARG A 233 -17.84 1.52 13.88
C ARG A 233 -17.27 0.27 13.21
N GLU A 234 -17.40 0.17 11.88
CA GLU A 234 -16.92 -1.00 11.11
C GLU A 234 -15.41 -1.22 11.22
N GLN A 235 -14.64 -0.18 11.45
CA GLN A 235 -13.19 -0.33 11.67
C GLN A 235 -12.83 -0.59 13.12
N GLY A 236 -13.81 -0.75 14.00
CA GLY A 236 -13.56 -0.87 15.44
C GLY A 236 -12.76 0.27 16.06
N PHE A 237 -13.11 1.51 15.74
CA PHE A 237 -12.41 2.69 16.28
C PHE A 237 -12.75 3.00 17.73
N GLU A 238 -13.88 2.50 18.22
CA GLU A 238 -14.31 2.74 19.63
C GLU A 238 -14.86 4.13 19.89
N THR A 239 -14.06 5.16 19.59
CA THR A 239 -14.56 6.53 19.65
C THR A 239 -15.68 6.76 18.61
N LYS A 240 -16.57 7.72 18.91
CA LYS A 240 -17.63 8.15 18.01
C LYS A 240 -17.51 9.65 17.64
N ASP A 241 -16.56 10.36 18.27
CA ASP A 241 -16.35 11.78 18.06
C ASP A 241 -15.74 12.01 16.67
N ILE A 242 -16.32 12.93 15.90
CA ILE A 242 -16.02 13.09 14.50
C ILE A 242 -14.54 13.55 14.32
N LYS A 243 -14.10 14.48 15.17
CA LYS A 243 -12.74 14.98 15.16
C LYS A 243 -11.74 13.86 15.44
N GLU A 244 -12.12 12.92 16.30
CA GLU A 244 -11.26 11.80 16.64
C GLU A 244 -11.22 10.75 15.53
N ILE A 245 -12.34 10.51 14.88
CA ILE A 245 -12.43 9.59 13.74
C ILE A 245 -11.62 10.11 12.55
N ALA A 246 -11.69 11.39 12.30
CA ALA A 246 -10.88 12.04 11.29
C ALA A 246 -9.38 11.81 11.53
N LYS A 247 -8.97 11.96 12.80
CA LYS A 247 -7.56 11.78 13.23
C LYS A 247 -7.05 10.34 13.05
N LYS A 248 -7.82 9.37 13.52
CA LYS A 248 -7.40 7.99 13.35
C LYS A 248 -7.48 7.58 11.89
N THR A 249 -8.40 8.15 11.13
CA THR A 249 -8.50 7.81 9.71
C THR A 249 -7.31 8.41 8.99
N GLN A 250 -6.94 9.63 9.39
CA GLN A 250 -5.78 10.28 8.81
C GLN A 250 -4.50 9.43 8.97
N ALA A 251 -4.39 8.68 10.06
CA ALA A 251 -3.09 8.08 10.43
C ALA A 251 -2.94 6.68 9.86
N LEU A 252 -3.89 6.25 9.05
CA LEU A 252 -3.94 4.87 8.51
C LEU A 252 -2.81 4.60 7.54
N PRO A 253 -2.46 3.31 7.38
CA PRO A 253 -1.37 2.94 6.48
C PRO A 253 -1.38 3.76 5.21
N LYS A 254 -0.20 4.20 4.74
CA LYS A 254 -0.12 5.04 3.55
C LYS A 254 1.04 4.61 2.64
N MET A 255 0.72 4.41 1.36
CA MET A 255 1.67 3.79 0.42
C MET A 255 2.63 4.79 -0.26
N ASN A 256 2.16 6.02 -0.45
CA ASN A 256 2.97 7.18 -0.83
C ASN A 256 3.20 8.10 0.35
N SER A 257 4.41 8.06 0.86
CA SER A 257 4.78 8.80 2.05
C SER A 257 5.23 10.22 1.72
N LYS A 258 5.25 10.60 0.45
CA LYS A 258 5.59 11.99 0.04
C LYS A 258 4.42 12.96 0.36
N ARG A 259 3.26 12.41 0.67
CA ARG A 259 2.05 13.16 0.91
C ARG A 259 1.38 12.65 2.15
N GLN A 260 1.15 13.53 3.11
CA GLN A 260 0.46 13.10 4.32
C GLN A 260 -1.03 13.13 3.96
N ARG A 261 -1.79 12.19 4.47
CA ARG A 261 -3.20 12.11 4.10
C ARG A 261 -3.93 13.24 4.73
N ILE A 262 -4.90 13.75 4.01
CA ILE A 262 -5.91 14.71 4.52
C ILE A 262 -7.31 14.10 4.57
N VAL A 263 -8.04 14.31 5.68
CA VAL A 263 -9.43 13.76 5.84
C VAL A 263 -10.45 14.83 6.11
N ILE A 264 -11.40 14.98 5.20
CA ILE A 264 -12.41 16.02 5.26
C ILE A 264 -13.81 15.39 5.42
N PHE A 265 -14.44 15.60 6.58
CA PHE A 265 -15.81 15.22 6.79
C PHE A 265 -16.69 16.45 6.80
N THR A 266 -17.67 16.50 5.90
CA THR A 266 -18.65 17.55 5.96
C THR A 266 -19.70 17.12 6.93
N GLN A 267 -20.50 18.07 7.41
CA GLN A 267 -21.50 17.80 8.46
C GLN A 267 -22.79 18.60 8.33
N GLY A 268 -23.13 18.98 7.12
CA GLY A 268 -24.40 19.62 6.86
C GLY A 268 -24.18 21.08 7.18
N ARG A 269 -24.96 21.64 8.08
CA ARG A 269 -24.81 23.05 8.45
C ARG A 269 -23.86 23.16 9.64
N ASP A 270 -23.45 22.02 10.22
CA ASP A 270 -22.32 21.99 11.15
C ASP A 270 -21.00 22.23 10.41
N ASP A 271 -19.93 22.36 11.17
CA ASP A 271 -18.62 22.64 10.63
C ASP A 271 -18.08 21.48 9.78
N THR A 272 -17.21 21.83 8.82
CA THR A 272 -16.46 20.82 8.07
C THR A 272 -15.23 20.52 8.85
N ILE A 273 -14.99 19.24 9.12
CA ILE A 273 -13.84 18.81 9.89
C ILE A 273 -12.70 18.41 8.95
N MET A 274 -11.49 18.91 9.20
CA MET A 274 -10.29 18.52 8.45
C MET A 274 -9.16 18.07 9.35
N ALA A 275 -8.70 16.85 9.10
CA ALA A 275 -7.59 16.27 9.82
C ALA A 275 -6.37 16.19 8.90
N THR A 276 -5.29 16.88 9.23
CA THR A 276 -4.01 16.77 8.53
C THR A 276 -3.01 16.02 9.42
N GLU A 277 -1.74 15.96 9.02
CA GLU A 277 -0.73 15.27 9.81
C GLU A 277 -0.73 15.73 11.28
N SER A 278 -0.86 17.04 11.47
CA SER A 278 -0.51 17.65 12.76
C SER A 278 -1.66 18.25 13.55
N GLU A 279 -2.87 18.22 13.00
CA GLU A 279 -4.00 18.76 13.72
C GLU A 279 -5.31 18.36 13.05
N VAL A 280 -6.39 18.57 13.76
CA VAL A 280 -7.72 18.48 13.23
C VAL A 280 -8.38 19.82 13.52
N THR A 281 -9.01 20.42 12.53
CA THR A 281 -9.55 21.76 12.67
C THR A 281 -10.94 21.87 12.05
N ALA A 282 -11.82 22.62 12.70
CA ALA A 282 -13.18 22.85 12.21
C ALA A 282 -13.22 24.11 11.39
N PHE A 283 -14.01 24.10 10.30
CA PHE A 283 -14.30 25.26 9.43
C PHE A 283 -15.83 25.41 9.30
N ALA A 284 -16.34 26.56 9.75
CA ALA A 284 -17.76 26.77 9.85
C ALA A 284 -18.31 27.02 8.45
N VAL A 285 -19.62 26.75 8.31
CA VAL A 285 -20.39 27.12 7.16
C VAL A 285 -21.04 28.49 7.47
N LEU A 286 -20.46 29.55 6.94
CA LEU A 286 -20.93 30.93 7.12
C LEU A 286 -22.29 31.20 6.45
N ASP A 287 -22.40 30.85 5.18
CA ASP A 287 -23.51 31.28 4.35
C ASP A 287 -24.63 30.27 4.46
N GLN A 288 -25.66 30.58 5.22
CA GLN A 288 -26.74 29.63 5.44
C GLN A 288 -28.04 30.04 4.74
N ASP A 289 -28.69 29.07 4.08
CA ASP A 289 -30.05 29.19 3.55
C ASP A 289 -30.95 28.54 4.57
N GLN A 290 -32.26 28.63 4.38
CA GLN A 290 -33.18 27.84 5.18
C GLN A 290 -33.55 26.62 4.33
N LYS A 291 -34.62 25.91 4.72
CA LYS A 291 -35.18 24.86 3.91
C LYS A 291 -34.62 23.53 4.42
N ILE A 294 -33.05 21.06 1.93
CA ILE A 294 -31.80 20.94 1.17
C ILE A 294 -31.39 19.50 0.80
N ASP A 295 -30.98 19.35 -0.46
CA ASP A 295 -30.32 18.15 -0.98
C ASP A 295 -28.87 18.11 -0.45
N THR A 296 -28.69 17.48 0.71
CA THR A 296 -27.38 17.35 1.32
C THR A 296 -26.46 16.47 0.47
N ASN A 297 -27.02 15.40 -0.11
CA ASN A 297 -26.25 14.50 -0.95
C ASN A 297 -25.57 15.24 -2.10
N GLY A 298 -26.37 15.96 -2.88
CA GLY A 298 -25.87 16.76 -4.01
C GLY A 298 -24.99 17.91 -3.58
N ALA A 299 -25.27 18.47 -2.40
CA ALA A 299 -24.41 19.51 -1.80
C ALA A 299 -23.04 18.93 -1.47
N GLY A 300 -23.02 17.72 -0.94
CA GLY A 300 -21.78 17.02 -0.68
C GLY A 300 -20.89 16.81 -1.90
N ASP A 301 -21.47 16.36 -3.01
CA ASP A 301 -20.78 16.21 -4.28
C ASP A 301 -20.23 17.52 -4.76
N ALA A 302 -21.03 18.57 -4.63
CA ALA A 302 -20.61 19.91 -5.03
C ALA A 302 -19.44 20.41 -4.14
N PHE A 303 -19.52 20.16 -2.83
CA PHE A 303 -18.38 20.52 -1.99
C PHE A 303 -17.06 19.96 -2.54
N VAL A 304 -17.06 18.66 -2.87
CA VAL A 304 -15.86 17.99 -3.40
C VAL A 304 -15.44 18.59 -4.74
N GLY A 305 -16.40 18.91 -5.59
CA GLY A 305 -16.04 19.60 -6.85
C GLY A 305 -15.36 20.94 -6.60
N GLY A 306 -15.86 21.69 -5.64
CA GLY A 306 -15.28 22.99 -5.32
C GLY A 306 -13.88 22.81 -4.83
N PHE A 307 -13.72 21.91 -3.86
CA PHE A 307 -12.42 21.58 -3.31
C PHE A 307 -11.41 21.16 -4.41
N LEU A 308 -11.83 20.22 -5.28
CA LEU A 308 -10.93 19.69 -6.31
C LEU A 308 -10.50 20.81 -7.23
N SER A 309 -11.42 21.75 -7.48
CA SER A 309 -11.21 22.86 -8.42
C SER A 309 -10.00 23.71 -8.08
N GLN A 310 -9.74 23.93 -6.79
CA GLN A 310 -8.58 24.65 -6.30
C GLN A 310 -7.33 23.77 -6.09
N LEU A 311 -7.53 22.51 -5.70
CA LEU A 311 -6.44 21.55 -5.52
C LEU A 311 -5.63 21.24 -6.77
N VAL A 312 -6.27 21.24 -7.94
CA VAL A 312 -5.50 21.12 -9.19
C VAL A 312 -4.52 22.31 -9.43
N SER A 313 -4.80 23.44 -8.77
CA SER A 313 -3.94 24.62 -8.84
C SER A 313 -2.93 24.66 -7.68
N ASP A 314 -3.02 23.65 -6.81
CA ASP A 314 -2.20 23.58 -5.61
C ASP A 314 -2.42 24.78 -4.63
N LYS A 315 -3.65 25.28 -4.59
CA LYS A 315 -4.04 26.32 -3.62
C LYS A 315 -3.99 25.75 -2.20
N PRO A 316 -3.93 26.64 -1.19
CA PRO A 316 -3.91 26.14 0.18
C PRO A 316 -5.17 25.37 0.53
N LEU A 317 -5.05 24.45 1.48
CA LEU A 317 -6.20 23.66 1.98
C LEU A 317 -7.37 24.52 2.44
N THR A 318 -7.08 25.64 3.08
CA THR A 318 -8.16 26.56 3.50
C THR A 318 -8.94 27.13 2.31
N GLU A 319 -8.27 27.44 1.22
CA GLU A 319 -8.90 27.98 0.01
C GLU A 319 -9.64 26.89 -0.78
N CYS A 320 -9.15 25.65 -0.67
CA CYS A 320 -9.87 24.48 -1.21
C CYS A 320 -11.20 24.31 -0.48
N ILE A 321 -11.16 24.39 0.84
CA ILE A 321 -12.37 24.24 1.66
C ILE A 321 -13.35 25.37 1.37
N ARG A 322 -12.88 26.60 1.34
CA ARG A 322 -13.75 27.75 1.05
C ARG A 322 -14.39 27.57 -0.36
N ALA A 323 -13.61 27.21 -1.38
CA ALA A 323 -14.18 26.83 -2.67
C ALA A 323 -15.23 25.68 -2.57
N GLY A 324 -15.03 24.71 -1.69
CA GLY A 324 -16.03 23.65 -1.52
C GLY A 324 -17.32 24.17 -0.92
N HIS A 325 -17.18 24.91 0.16
CA HIS A 325 -18.32 25.59 0.77
C HIS A 325 -19.05 26.51 -0.18
N TYR A 326 -18.30 27.17 -1.06
CA TYR A 326 -18.90 28.06 -2.06
C TYR A 326 -19.71 27.27 -3.10
N ALA A 327 -19.13 26.22 -3.69
CA ALA A 327 -19.82 25.35 -4.66
C ALA A 327 -21.05 24.65 -4.09
N ALA A 328 -20.99 24.21 -2.85
CA ALA A 328 -22.17 23.64 -2.19
C ALA A 328 -23.35 24.62 -2.07
N SER A 329 -23.08 25.89 -1.74
CA SER A 329 -24.15 26.90 -1.53
C SER A 329 -24.82 27.33 -2.82
N ILE A 330 -24.04 27.38 -3.90
CA ILE A 330 -24.59 27.56 -5.22
C ILE A 330 -25.54 26.44 -5.64
N ILE A 331 -25.07 25.19 -5.61
CA ILE A 331 -25.89 24.04 -5.99
C ILE A 331 -27.14 23.89 -5.15
N ILE A 332 -27.06 24.20 -3.86
CA ILE A 332 -28.25 24.44 -3.04
C ILE A 332 -28.95 25.68 -3.59
N ALA B 1 1.81 -30.45 -11.47
CA ALA B 1 3.05 -31.21 -11.17
C ALA B 1 3.88 -30.57 -10.07
N PRO B 2 4.89 -31.30 -9.59
CA PRO B 2 5.82 -31.04 -8.51
C PRO B 2 7.01 -30.27 -9.05
N GLN B 3 7.49 -29.30 -8.26
CA GLN B 3 8.63 -28.47 -8.63
C GLN B 3 9.87 -29.07 -7.97
N ALA B 4 11.02 -28.74 -8.53
CA ALA B 4 12.29 -29.33 -8.09
C ALA B 4 13.46 -28.41 -8.49
N LEU B 5 14.34 -28.14 -7.52
CA LEU B 5 15.45 -27.18 -7.67
C LEU B 5 16.40 -27.32 -8.88
N ARG B 6 17.05 -26.21 -9.23
CA ARG B 6 18.13 -26.13 -10.25
C ARG B 6 18.96 -24.80 -10.10
N GLU B 7 20.00 -24.57 -10.90
CA GLU B 7 20.87 -23.42 -10.64
C GLU B 7 20.19 -22.04 -10.80
N ASN B 8 20.50 -21.11 -9.91
CA ASN B 8 19.95 -19.76 -9.94
C ASN B 8 18.40 -19.74 -9.75
N ILE B 9 17.86 -20.75 -9.08
CA ILE B 9 16.44 -20.74 -8.69
C ILE B 9 16.09 -19.64 -7.63
N LEU B 10 17.05 -19.28 -6.79
CA LEU B 10 16.84 -18.28 -5.74
C LEU B 10 17.71 -17.12 -6.04
N PHE B 11 17.10 -15.92 -6.07
CA PHE B 11 17.84 -14.65 -6.23
C PHE B 11 17.81 -13.74 -4.99
N GLY B 12 18.97 -13.26 -4.57
CA GLY B 12 19.06 -12.27 -3.49
C GLY B 12 20.03 -11.15 -3.85
N MET B 13 19.70 -9.94 -3.39
CA MET B 13 20.64 -8.84 -3.47
C MET B 13 20.53 -8.04 -2.19
N GLY B 14 21.62 -7.39 -1.79
CA GLY B 14 21.62 -6.54 -0.62
C GLY B 14 22.98 -5.93 -0.35
N ASN B 15 23.19 -5.48 0.88
CA ASN B 15 24.45 -4.96 1.36
C ASN B 15 25.44 -6.07 1.85
N PRO B 16 26.52 -6.32 1.09
CA PRO B 16 27.51 -7.28 1.59
C PRO B 16 28.38 -6.57 2.63
N LEU B 17 28.35 -7.01 3.88
CA LEU B 17 29.11 -6.37 4.92
C LEU B 17 30.01 -7.37 5.58
N LEU B 18 31.15 -6.90 6.06
CA LEU B 18 31.99 -7.68 6.97
C LEU B 18 31.68 -7.24 8.37
N ASP B 19 31.31 -8.20 9.24
CA ASP B 19 30.95 -7.93 10.63
C ASP B 19 32.21 -8.02 11.50
N ILE B 20 32.36 -7.05 12.37
CA ILE B 20 33.49 -6.89 13.28
C ILE B 20 32.81 -6.98 14.65
N SER B 21 33.03 -8.04 15.39
CA SER B 21 32.32 -8.25 16.66
C SER B 21 33.26 -8.28 17.86
N ALA B 22 32.81 -7.78 18.98
CA ALA B 22 33.59 -7.84 20.18
C ALA B 22 32.68 -7.66 21.36
N VAL B 23 33.00 -8.40 22.43
CA VAL B 23 32.41 -8.20 23.74
C VAL B 23 32.93 -6.86 24.28
N VAL B 24 32.00 -5.96 24.57
CA VAL B 24 32.32 -4.60 25.03
C VAL B 24 31.73 -4.45 26.45
N ASP B 25 31.77 -3.26 27.01
CA ASP B 25 31.09 -3.01 28.29
C ASP B 25 30.05 -1.91 28.17
N LYS B 26 29.21 -1.84 29.19
CA LYS B 26 28.13 -0.87 29.28
C LYS B 26 28.65 0.53 29.09
N ASP B 27 29.84 0.83 29.62
CA ASP B 27 30.45 2.14 29.36
C ASP B 27 30.69 2.47 27.86
N PHE B 28 31.14 1.50 27.07
CA PHE B 28 31.42 1.71 25.64
C PHE B 28 30.10 2.03 24.92
N LEU B 29 29.05 1.24 25.20
CA LEU B 29 27.71 1.57 24.71
C LEU B 29 27.34 3.04 25.03
N ASP B 30 27.50 3.49 26.27
CA ASP B 30 27.17 4.92 26.62
C ASP B 30 28.11 5.93 25.99
N LYS B 31 29.39 5.64 25.99
CA LYS B 31 30.31 6.54 25.34
C LYS B 31 29.73 6.96 23.99
N TYR B 32 29.21 6.01 23.20
CA TYR B 32 28.54 6.31 21.90
C TYR B 32 27.02 6.34 21.95
N SER B 33 26.46 6.39 23.15
CA SER B 33 25.00 6.54 23.33
C SER B 33 24.26 5.48 22.51
N LEU B 34 24.67 4.22 22.67
CA LEU B 34 24.17 3.12 21.92
C LEU B 34 23.29 2.37 22.87
N LYS B 35 22.25 1.72 22.34
CA LYS B 35 21.40 0.87 23.14
C LYS B 35 21.93 -0.53 22.97
N PRO B 36 21.70 -1.39 23.98
CA PRO B 36 22.20 -2.78 23.99
C PRO B 36 21.78 -3.69 22.85
N ASN B 37 20.50 -3.67 22.48
CA ASN B 37 19.96 -4.45 21.34
C ASN B 37 19.33 -3.52 20.37
N ASP B 38 20.10 -3.06 19.43
CA ASP B 38 19.59 -2.12 18.51
C ASP B 38 20.30 -2.44 17.21
N GLN B 39 19.82 -1.82 16.13
CA GLN B 39 20.47 -1.95 14.85
C GLN B 39 20.36 -0.58 14.27
N ILE B 40 21.48 0.13 14.10
CA ILE B 40 21.43 1.48 13.50
C ILE B 40 22.37 1.64 12.31
N LEU B 41 22.08 2.61 11.44
CA LEU B 41 23.06 3.02 10.46
C LEU B 41 24.08 3.94 11.10
N ALA B 42 25.35 3.81 10.70
CA ALA B 42 26.45 4.64 11.23
C ALA B 42 26.19 6.11 10.89
N GLU B 43 26.09 6.95 11.91
CA GLU B 43 26.05 8.36 11.69
C GLU B 43 27.46 8.85 11.72
N ASP B 44 27.67 10.12 11.43
CA ASP B 44 29.00 10.69 11.44
C ASP B 44 29.66 10.75 12.80
N LYS B 45 28.88 10.94 13.85
CA LYS B 45 29.38 10.82 15.22
C LYS B 45 29.87 9.44 15.61
N HIS B 46 29.59 8.40 14.82
CA HIS B 46 30.02 7.01 15.11
C HIS B 46 31.28 6.66 14.42
N LYS B 47 31.89 7.57 13.67
CA LYS B 47 33.15 7.25 12.95
C LYS B 47 34.29 6.80 13.87
N GLU B 48 34.39 7.38 15.07
CA GLU B 48 35.41 7.01 16.06
C GLU B 48 35.25 5.59 16.57
N LEU B 49 34.02 5.12 16.64
CA LEU B 49 33.67 3.80 17.16
C LEU B 49 34.36 2.67 16.43
N PHE B 50 34.49 2.75 15.11
CA PHE B 50 35.01 1.61 14.34
C PHE B 50 36.51 1.43 14.56
N ASP B 51 37.23 2.55 14.68
CA ASP B 51 38.67 2.51 15.02
C ASP B 51 38.84 2.05 16.48
N GLU B 52 38.07 2.60 17.39
CA GLU B 52 38.22 2.28 18.82
C GLU B 52 37.90 0.82 19.10
N LEU B 53 37.02 0.23 18.32
CA LEU B 53 36.58 -1.14 18.54
C LEU B 53 37.70 -2.13 18.27
N VAL B 54 38.28 -1.97 17.06
CA VAL B 54 39.44 -2.76 16.62
C VAL B 54 40.61 -2.53 17.55
N LYS B 55 40.84 -1.28 17.97
CA LYS B 55 42.03 -0.91 18.76
C LYS B 55 41.96 -1.47 20.18
N LYS B 56 40.84 -1.25 20.86
CA LYS B 56 40.72 -1.51 22.29
C LYS B 56 40.11 -2.86 22.67
N PHE B 57 39.52 -3.60 21.72
CA PHE B 57 38.98 -4.92 22.04
C PHE B 57 39.53 -6.02 21.18
N LYS B 58 39.31 -7.25 21.65
CA LYS B 58 39.63 -8.44 20.93
C LYS B 58 38.46 -8.67 20.01
N VAL B 59 38.62 -8.31 18.72
CA VAL B 59 37.53 -8.39 17.75
C VAL B 59 37.59 -9.64 16.89
N GLU B 60 36.46 -10.08 16.37
CA GLU B 60 36.45 -11.15 15.39
C GLU B 60 35.86 -10.61 14.12
N TYR B 61 36.19 -11.25 13.03
CA TYR B 61 35.74 -10.91 11.69
C TYR B 61 34.97 -12.05 11.05
N HIS B 62 33.73 -11.77 10.61
CA HIS B 62 32.88 -12.74 9.92
C HIS B 62 32.12 -12.06 8.81
N ALA B 63 31.98 -12.76 7.69
CA ALA B 63 31.14 -12.32 6.56
C ALA B 63 29.72 -12.12 6.97
N GLY B 64 29.14 -10.99 6.58
CA GLY B 64 27.77 -10.63 6.94
C GLY B 64 26.92 -9.96 5.89
N GLY B 65 25.99 -9.12 6.34
CA GLY B 65 24.97 -8.58 5.47
C GLY B 65 23.77 -9.50 5.58
N SER B 66 22.61 -8.95 5.91
CA SER B 66 21.45 -9.75 6.25
C SER B 66 21.02 -10.65 5.05
N THR B 67 20.80 -10.07 3.87
CA THR B 67 20.35 -10.86 2.76
C THR B 67 21.42 -11.85 2.46
N GLN B 68 22.66 -11.41 2.40
CA GLN B 68 23.78 -12.36 2.12
C GLN B 68 23.82 -13.59 3.06
N ASN B 69 23.61 -13.40 4.37
CA ASN B 69 23.46 -14.50 5.33
C ASN B 69 22.34 -15.47 4.97
N SER B 70 21.15 -14.91 4.73
CA SER B 70 19.99 -15.72 4.31
C SER B 70 20.18 -16.53 3.01
N ILE B 71 20.82 -15.93 2.05
CA ILE B 71 21.15 -16.62 0.80
C ILE B 71 22.16 -17.78 0.97
N LYS B 72 23.24 -17.58 1.76
CA LYS B 72 24.16 -18.70 2.14
C LYS B 72 23.44 -19.82 2.89
N VAL B 73 22.65 -19.49 3.89
CA VAL B 73 21.88 -20.52 4.61
C VAL B 73 20.86 -21.23 3.71
N ALA B 74 20.25 -20.51 2.78
CA ALA B 74 19.30 -21.11 1.85
C ALA B 74 19.99 -22.17 0.98
N GLN B 75 21.15 -21.81 0.43
CA GLN B 75 22.02 -22.66 -0.39
C GLN B 75 22.49 -23.89 0.36
N TRP B 76 22.88 -23.73 1.62
CA TRP B 76 23.24 -24.86 2.46
C TRP B 76 22.10 -25.84 2.60
N MET B 77 20.92 -25.40 2.96
CA MET B 77 19.78 -26.31 3.19
C MET B 77 19.31 -26.99 1.90
N ILE B 78 19.44 -26.26 0.78
CA ILE B 78 19.06 -26.75 -0.54
C ILE B 78 20.06 -27.85 -0.93
N GLN B 79 21.35 -27.59 -0.64
CA GLN B 79 22.47 -28.53 -0.82
C GLN B 79 22.87 -28.75 -2.25
N GLN B 80 21.92 -29.17 -3.07
CA GLN B 80 22.20 -29.54 -4.46
C GLN B 80 21.10 -28.99 -5.33
N PRO B 81 21.47 -28.29 -6.42
CA PRO B 81 22.83 -28.09 -6.91
C PRO B 81 23.63 -26.98 -6.20
N HIS B 82 24.92 -26.92 -6.45
CA HIS B 82 25.69 -25.76 -6.08
C HIS B 82 25.17 -24.61 -6.91
N LYS B 83 25.18 -23.42 -6.32
CA LYS B 83 24.78 -22.20 -7.01
C LYS B 83 23.28 -22.20 -7.33
N ALA B 84 22.49 -22.79 -6.45
CA ALA B 84 21.05 -22.68 -6.54
C ALA B 84 20.64 -21.25 -6.23
N ALA B 85 21.46 -20.56 -5.41
CA ALA B 85 21.16 -19.24 -4.89
C ALA B 85 22.15 -18.21 -5.40
N THR B 86 21.62 -17.09 -5.91
CA THR B 86 22.37 -15.98 -6.48
C THR B 86 22.41 -14.82 -5.48
N PHE B 87 23.54 -14.14 -5.37
CA PHE B 87 23.62 -12.91 -4.61
C PHE B 87 24.30 -11.82 -5.39
N PHE B 88 23.72 -10.62 -5.37
CA PHE B 88 24.29 -9.39 -5.96
C PHE B 88 24.55 -8.34 -4.86
N GLY B 89 25.61 -7.56 -5.00
CA GLY B 89 25.79 -6.41 -4.14
C GLY B 89 27.09 -5.73 -4.43
N CYS B 90 27.39 -4.68 -3.71
CA CYS B 90 28.54 -3.86 -4.02
C CYS B 90 29.55 -3.90 -2.88
N ILE B 91 30.81 -4.01 -3.27
CA ILE B 91 31.94 -3.99 -2.34
C ILE B 91 33.02 -3.06 -2.82
N GLY B 92 34.02 -2.84 -1.98
CA GLY B 92 35.22 -2.16 -2.38
C GLY B 92 36.26 -3.15 -2.88
N ILE B 93 37.34 -2.62 -3.46
CA ILE B 93 38.44 -3.45 -3.92
C ILE B 93 39.53 -3.38 -2.88
N ASP B 94 39.51 -4.37 -1.99
CA ASP B 94 40.33 -4.33 -0.80
C ASP B 94 40.30 -5.69 -0.14
N LYS B 95 41.03 -5.83 0.95
CA LYS B 95 41.14 -7.05 1.72
C LYS B 95 39.74 -7.57 2.08
N PHE B 96 38.90 -6.69 2.65
CA PHE B 96 37.56 -7.08 3.14
C PHE B 96 36.67 -7.52 1.99
N GLY B 97 36.76 -6.81 0.87
CA GLY B 97 36.19 -7.24 -0.38
C GLY B 97 36.51 -8.69 -0.73
N GLU B 98 37.81 -9.02 -0.73
CA GLU B 98 38.25 -10.35 -1.14
C GLU B 98 37.77 -11.43 -0.15
N ILE B 99 37.78 -11.16 1.16
CA ILE B 99 37.20 -12.11 2.14
C ILE B 99 35.78 -12.44 1.78
N LEU B 100 35.00 -11.41 1.46
CA LEU B 100 33.60 -11.62 1.10
C LEU B 100 33.48 -12.49 -0.15
N LYS B 101 34.21 -12.18 -1.21
CA LYS B 101 34.18 -13.02 -2.41
C LYS B 101 34.46 -14.47 -2.09
N ARG B 102 35.51 -14.70 -1.32
CA ARG B 102 35.96 -16.03 -0.91
C ARG B 102 34.86 -16.77 -0.10
N LYS B 103 34.28 -16.09 0.89
CA LYS B 103 33.21 -16.69 1.70
C LYS B 103 31.96 -17.05 0.91
N ALA B 104 31.54 -16.25 -0.08
CA ALA B 104 30.38 -16.64 -0.92
C ALA B 104 30.71 -17.88 -1.74
N ALA B 105 31.95 -17.96 -2.25
CA ALA B 105 32.40 -19.13 -3.03
C ALA B 105 32.40 -20.40 -2.17
N GLU B 106 32.94 -20.28 -0.97
CA GLU B 106 32.93 -21.39 -0.03
C GLU B 106 31.51 -21.79 0.34
N ALA B 107 30.58 -20.83 0.36
CA ALA B 107 29.16 -21.16 0.60
C ALA B 107 28.44 -21.69 -0.65
N HIS B 108 29.13 -21.81 -1.79
CA HIS B 108 28.55 -22.36 -3.02
C HIS B 108 27.43 -21.47 -3.58
N VAL B 109 27.59 -20.15 -3.39
CA VAL B 109 26.60 -19.18 -3.82
C VAL B 109 27.16 -18.54 -5.07
N ASP B 110 26.26 -18.16 -5.95
CA ASP B 110 26.64 -17.60 -7.25
C ASP B 110 26.63 -16.10 -7.07
N ALA B 111 27.71 -15.57 -6.51
CA ALA B 111 27.79 -14.21 -6.10
C ALA B 111 28.38 -13.38 -7.21
N HIS B 112 27.75 -12.26 -7.52
CA HIS B 112 28.21 -11.37 -8.54
C HIS B 112 28.15 -10.01 -7.99
N TYR B 113 29.33 -9.46 -7.71
CA TYR B 113 29.47 -8.20 -7.04
C TYR B 113 29.77 -7.08 -8.00
N TYR B 114 29.29 -5.89 -7.63
CA TYR B 114 29.74 -4.68 -8.23
C TYR B 114 30.90 -4.17 -7.35
N GLU B 115 32.08 -4.00 -7.94
CA GLU B 115 33.29 -3.53 -7.25
C GLU B 115 33.72 -2.13 -7.71
N GLN B 116 34.19 -1.33 -6.76
CA GLN B 116 34.69 0.00 -7.05
C GLN B 116 35.73 0.46 -6.00
N ASN B 117 36.47 1.54 -6.32
CA ASN B 117 37.64 1.98 -5.58
C ASN B 117 37.35 3.01 -4.50
N GLU B 118 36.51 3.99 -4.84
CA GLU B 118 36.14 5.10 -3.96
C GLU B 118 35.95 4.69 -2.49
N GLN B 119 35.04 3.75 -2.25
CA GLN B 119 34.62 3.37 -0.89
C GLN B 119 35.15 1.98 -0.47
N PRO B 120 35.65 1.86 0.77
CA PRO B 120 36.00 0.55 1.24
C PRO B 120 34.76 -0.32 1.41
N THR B 121 34.94 -1.63 1.35
CA THR B 121 33.90 -2.59 1.64
C THR B 121 33.16 -2.22 2.91
N GLY B 122 31.84 -2.39 2.92
CA GLY B 122 31.05 -2.01 4.09
C GLY B 122 31.33 -2.92 5.25
N THR B 123 31.22 -2.37 6.45
CA THR B 123 31.39 -3.15 7.69
C THR B 123 30.25 -2.88 8.62
N CYS B 124 30.02 -3.82 9.54
CA CYS B 124 29.01 -3.69 10.61
C CYS B 124 29.65 -4.04 11.96
N ALA B 125 29.57 -3.11 12.91
CA ALA B 125 30.07 -3.31 14.27
C ALA B 125 29.04 -4.08 15.02
N ALA B 126 29.41 -5.20 15.65
CA ALA B 126 28.54 -5.85 16.61
C ALA B 126 29.18 -5.74 18.00
N CYS B 127 28.63 -4.86 18.82
CA CYS B 127 29.09 -4.61 20.16
C CYS B 127 28.27 -5.40 21.15
N ILE B 128 28.88 -6.43 21.76
CA ILE B 128 28.16 -7.48 22.55
C ILE B 128 28.26 -7.22 24.06
N THR B 129 27.12 -7.34 24.76
CA THR B 129 27.07 -7.35 26.22
C THR B 129 26.01 -8.37 26.63
N GLY B 130 26.39 -9.35 27.42
CA GLY B 130 25.48 -10.41 27.80
C GLY B 130 25.08 -11.12 26.54
N ASP B 131 23.78 -11.35 26.38
CA ASP B 131 23.28 -11.87 25.10
C ASP B 131 22.77 -10.77 24.18
N ASN B 132 23.10 -9.51 24.46
CA ASN B 132 22.71 -8.40 23.60
C ASN B 132 23.77 -8.15 22.53
N ARG B 133 23.32 -7.68 21.37
CA ARG B 133 24.17 -7.15 20.32
C ARG B 133 23.67 -5.77 19.90
N SER B 134 24.57 -4.79 19.86
CA SER B 134 24.24 -3.47 19.43
C SER B 134 24.97 -3.33 18.11
N LEU B 135 24.23 -3.39 16.99
CA LEU B 135 24.78 -3.36 15.65
C LEU B 135 24.84 -1.97 15.10
N ILE B 136 25.97 -1.54 14.57
CA ILE B 136 26.07 -0.27 13.83
C ILE B 136 26.63 -0.51 12.43
N ALA B 137 25.83 -0.30 11.38
CA ALA B 137 26.29 -0.62 10.01
C ALA B 137 26.88 0.60 9.31
N ASN B 138 28.11 0.44 8.81
CA ASN B 138 28.80 1.48 8.04
C ASN B 138 28.86 0.98 6.61
N LEU B 139 27.78 1.29 5.87
CA LEU B 139 27.50 0.66 4.59
C LEU B 139 28.62 0.88 3.57
N ALA B 140 29.08 2.12 3.46
CA ALA B 140 30.22 2.50 2.62
C ALA B 140 30.04 1.98 1.17
N ALA B 141 30.95 1.14 0.68
CA ALA B 141 30.76 0.46 -0.61
C ALA B 141 29.35 -0.10 -0.83
N ALA B 142 28.76 -0.74 0.17
CA ALA B 142 27.43 -1.34 -0.03
C ALA B 142 26.40 -0.30 -0.52
N ASN B 143 26.53 0.93 -0.03
CA ASN B 143 25.73 2.06 -0.47
C ASN B 143 26.05 2.63 -1.87
N CYS B 144 26.92 1.98 -2.63
CA CYS B 144 27.28 2.49 -3.96
C CYS B 144 26.56 1.72 -5.09
N TYR B 145 25.80 0.69 -4.73
CA TYR B 145 25.13 -0.17 -5.73
C TYR B 145 24.18 0.67 -6.55
N LYS B 146 24.18 0.45 -7.87
CA LYS B 146 23.30 1.15 -8.80
C LYS B 146 22.84 0.17 -9.86
N LYS B 147 21.54 0.22 -10.18
CA LYS B 147 21.00 -0.74 -11.15
C LYS B 147 21.71 -0.68 -12.50
N GLU B 148 22.09 0.54 -12.92
CA GLU B 148 22.61 0.75 -14.26
C GLU B 148 24.02 0.22 -14.40
N LYS B 149 24.71 0.21 -13.28
CA LYS B 149 26.09 -0.20 -13.20
C LYS B 149 26.21 -1.72 -13.14
N HIS B 150 25.14 -2.43 -12.75
CA HIS B 150 25.26 -3.88 -12.43
C HIS B 150 24.03 -4.74 -12.72
N LEU B 151 22.92 -4.43 -12.07
CA LEU B 151 21.70 -5.21 -12.23
C LEU B 151 21.17 -5.22 -13.66
N ASP B 152 21.27 -4.07 -14.34
CA ASP B 152 20.77 -3.85 -15.70
C ASP B 152 21.65 -4.50 -16.79
N LEU B 153 22.96 -4.63 -16.54
CA LEU B 153 23.85 -5.30 -17.50
C LEU B 153 23.29 -6.69 -17.74
N GLU B 154 23.16 -7.09 -19.02
CA GLU B 154 22.36 -8.27 -19.38
C GLU B 154 22.92 -9.58 -18.83
N LYS B 155 24.21 -9.66 -18.58
CA LYS B 155 24.83 -10.86 -17.96
C LYS B 155 24.32 -11.15 -16.56
N ASN B 156 24.02 -10.07 -15.83
CA ASN B 156 23.54 -10.17 -14.48
C ASN B 156 22.03 -10.26 -14.50
N TRP B 157 21.37 -9.47 -15.37
CA TRP B 157 19.92 -9.51 -15.44
C TRP B 157 19.40 -10.88 -15.80
N MET B 158 20.14 -11.61 -16.64
CA MET B 158 19.81 -13.00 -17.06
C MET B 158 19.63 -13.90 -15.85
N LEU B 159 20.54 -13.77 -14.91
CA LEU B 159 20.50 -14.58 -13.71
C LEU B 159 19.26 -14.29 -12.84
N VAL B 160 18.79 -13.03 -12.79
CA VAL B 160 17.51 -12.71 -12.07
C VAL B 160 16.31 -13.35 -12.79
N GLU B 161 16.38 -13.41 -14.12
CA GLU B 161 15.31 -14.04 -14.91
C GLU B 161 15.22 -15.55 -14.65
N LYS B 162 16.33 -16.18 -14.26
CA LYS B 162 16.33 -17.60 -13.91
C LYS B 162 15.58 -17.89 -12.61
N ALA B 163 15.41 -16.85 -11.78
CA ALA B 163 14.97 -17.01 -10.41
C ALA B 163 13.48 -17.23 -10.33
N ARG B 164 13.12 -18.13 -9.44
CA ARG B 164 11.76 -18.45 -9.14
C ARG B 164 11.28 -17.71 -7.90
N VAL B 165 12.24 -17.39 -7.03
CA VAL B 165 12.00 -16.75 -5.74
C VAL B 165 13.05 -15.69 -5.58
N CYS B 166 12.62 -14.48 -5.22
CA CYS B 166 13.52 -13.36 -4.94
C CYS B 166 13.39 -12.95 -3.50
N TYR B 167 14.52 -12.68 -2.90
CA TYR B 167 14.55 -12.22 -1.53
C TYR B 167 15.47 -11.03 -1.46
N ILE B 168 14.95 -9.93 -0.89
CA ILE B 168 15.75 -8.77 -0.59
C ILE B 168 15.41 -8.27 0.79
N ALA B 169 16.41 -8.07 1.65
CA ALA B 169 16.18 -7.49 2.99
C ALA B 169 15.76 -6.06 2.84
N GLY B 170 14.91 -5.57 3.73
CA GLY B 170 14.52 -4.17 3.67
C GLY B 170 15.71 -3.23 3.79
N PHE B 171 16.75 -3.67 4.50
CA PHE B 171 17.98 -2.91 4.61
C PHE B 171 18.43 -2.30 3.26
N PHE B 172 18.28 -3.03 2.15
CA PHE B 172 18.77 -2.58 0.85
C PHE B 172 17.98 -1.40 0.30
N LEU B 173 16.82 -1.13 0.91
CA LEU B 173 16.00 0.02 0.50
C LEU B 173 16.67 1.33 0.87
N THR B 174 17.62 1.32 1.81
CA THR B 174 18.41 2.53 2.07
C THR B 174 19.44 2.86 0.93
N VAL B 175 19.69 1.92 0.04
CA VAL B 175 20.75 2.06 -0.93
C VAL B 175 20.20 2.24 -2.34
N SER B 176 19.44 1.24 -2.79
CA SER B 176 18.87 1.23 -4.16
C SER B 176 17.44 0.71 -4.29
N PRO B 177 16.47 1.48 -3.81
CA PRO B 177 15.10 1.17 -4.02
C PRO B 177 14.77 0.97 -5.50
N GLU B 178 15.45 1.68 -6.41
CA GLU B 178 15.21 1.46 -7.85
C GLU B 178 15.52 0.01 -8.25
N SER B 179 16.59 -0.57 -7.69
CA SER B 179 16.91 -1.98 -8.01
C SER B 179 15.86 -2.92 -7.43
N VAL B 180 15.47 -2.68 -6.18
CA VAL B 180 14.48 -3.50 -5.51
C VAL B 180 13.18 -3.46 -6.30
N LEU B 181 12.74 -2.28 -6.72
CA LEU B 181 11.52 -2.16 -7.54
C LEU B 181 11.64 -2.80 -8.91
N LYS B 182 12.81 -2.78 -9.51
CA LYS B 182 12.91 -3.48 -10.78
C LYS B 182 12.75 -4.98 -10.61
N VAL B 183 13.43 -5.58 -9.63
CA VAL B 183 13.18 -7.00 -9.34
C VAL B 183 11.74 -7.22 -8.90
N ALA B 184 11.20 -6.33 -8.05
CA ALA B 184 9.81 -6.45 -7.61
C ALA B 184 8.79 -6.49 -8.78
N HIS B 185 8.93 -5.54 -9.70
CA HIS B 185 8.05 -5.43 -10.86
C HIS B 185 8.17 -6.64 -11.65
N HIS B 186 9.41 -7.03 -11.95
CA HIS B 186 9.66 -8.26 -12.68
C HIS B 186 9.01 -9.51 -12.10
N ALA B 187 9.09 -9.68 -10.80
CA ALA B 187 8.46 -10.79 -10.13
C ALA B 187 6.93 -10.75 -10.34
N SER B 188 6.35 -9.56 -10.22
CA SER B 188 4.91 -9.34 -10.45
C SER B 188 4.45 -9.66 -11.87
N GLU B 189 5.18 -9.15 -12.87
CA GLU B 189 4.77 -9.27 -14.28
C GLU B 189 5.03 -10.68 -14.82
N ASN B 190 5.81 -11.48 -14.09
CA ASN B 190 6.09 -12.86 -14.51
C ASN B 190 5.77 -13.87 -13.42
N ASN B 191 4.83 -13.51 -12.56
CA ASN B 191 4.39 -14.41 -11.49
C ASN B 191 5.53 -15.23 -10.81
N ARG B 192 6.55 -14.52 -10.35
CA ARG B 192 7.58 -15.10 -9.53
C ARG B 192 7.31 -14.63 -8.14
N ILE B 193 7.88 -15.28 -7.16
CA ILE B 193 7.59 -14.90 -5.78
C ILE B 193 8.60 -13.87 -5.35
N PHE B 194 8.11 -12.71 -4.92
CA PHE B 194 9.00 -11.65 -4.39
C PHE B 194 8.86 -11.55 -2.87
N THR B 195 9.97 -11.56 -2.16
CA THR B 195 9.96 -11.60 -0.71
C THR B 195 10.92 -10.55 -0.11
N LEU B 196 10.52 -9.98 1.02
CA LEU B 196 11.25 -8.88 1.65
C LEU B 196 11.24 -9.05 3.16
N ASN B 197 12.26 -8.47 3.81
CA ASN B 197 12.36 -8.39 5.29
C ASN B 197 12.15 -6.98 5.77
N LEU B 198 11.44 -6.81 6.88
CA LEU B 198 11.36 -5.45 7.50
C LEU B 198 12.77 -5.00 8.04
N SER B 199 13.61 -5.96 8.39
CA SER B 199 15.03 -5.80 8.65
C SER B 199 15.39 -5.11 9.97
N ALA B 200 14.82 -3.93 10.21
CA ALA B 200 15.11 -3.19 11.41
C ALA B 200 14.10 -2.06 11.58
N PRO B 201 13.82 -1.64 12.83
CA PRO B 201 12.90 -0.52 13.05
C PRO B 201 13.21 0.69 12.23
N PHE B 202 14.48 0.99 12.03
CA PHE B 202 14.76 2.27 11.35
C PHE B 202 14.23 2.24 9.89
N ILE B 203 13.99 1.09 9.34
CA ILE B 203 13.45 1.00 7.98
C ILE B 203 11.99 1.47 7.92
N SER B 204 11.17 1.03 8.88
CA SER B 204 9.82 1.48 9.01
C SER B 204 9.69 2.94 9.41
N GLN B 205 10.67 3.47 10.14
CA GLN B 205 10.63 4.85 10.60
C GLN B 205 11.07 5.86 9.54
N PHE B 206 12.22 5.61 8.93
CA PHE B 206 12.92 6.63 8.18
C PHE B 206 12.99 6.29 6.69
N TYR B 207 12.55 5.08 6.29
CA TYR B 207 12.68 4.62 4.90
C TYR B 207 11.35 4.02 4.39
N LYS B 208 10.27 4.51 4.97
CA LYS B 208 8.95 4.05 4.61
C LYS B 208 8.44 4.43 3.21
N GLU B 209 9.02 5.46 2.61
CA GLU B 209 8.73 5.81 1.22
C GLU B 209 9.13 4.65 0.29
N SER B 210 10.34 4.15 0.43
CA SER B 210 10.81 2.93 -0.28
C SER B 210 10.11 1.66 0.15
N LEU B 211 9.89 1.50 1.45
CA LEU B 211 9.21 0.34 1.99
C LEU B 211 7.77 0.18 1.50
N MET B 212 6.99 1.23 1.59
CA MET B 212 5.57 1.18 1.18
C MET B 212 5.40 1.23 -0.34
N LYS B 213 6.42 1.67 -1.07
CA LYS B 213 6.33 1.67 -2.50
C LYS B 213 6.45 0.24 -3.01
N VAL B 214 7.26 -0.56 -2.31
CA VAL B 214 7.56 -1.95 -2.66
C VAL B 214 6.56 -2.94 -2.09
N MET B 215 5.93 -2.60 -0.97
CA MET B 215 4.99 -3.48 -0.30
C MET B 215 3.88 -4.07 -1.21
N PRO B 216 3.29 -3.27 -2.14
CA PRO B 216 2.28 -3.87 -3.02
C PRO B 216 2.81 -5.06 -3.81
N TYR B 217 4.13 -5.16 -3.96
CA TYR B 217 4.75 -6.24 -4.72
C TYR B 217 5.26 -7.40 -3.86
N VAL B 218 5.07 -7.31 -2.56
CA VAL B 218 5.65 -8.28 -1.63
C VAL B 218 4.73 -9.49 -1.42
N ASP B 219 5.22 -10.68 -1.82
CA ASP B 219 4.46 -11.92 -1.70
C ASP B 219 4.59 -12.45 -0.31
N ILE B 220 5.81 -12.38 0.22
CA ILE B 220 6.05 -12.79 1.60
C ILE B 220 6.94 -11.75 2.33
N LEU B 221 6.39 -11.20 3.40
CA LEU B 221 7.08 -10.24 4.23
C LEU B 221 7.53 -11.03 5.44
N PHE B 222 8.82 -10.95 5.76
CA PHE B 222 9.38 -11.47 6.99
C PHE B 222 9.75 -10.33 7.92
N GLY B 223 9.92 -10.62 9.20
CA GLY B 223 10.34 -9.64 10.17
C GLY B 223 10.28 -10.18 11.57
N ASN B 224 10.71 -9.41 12.56
CA ASN B 224 10.66 -9.85 13.94
C ASN B 224 9.69 -8.96 14.69
N GLU B 225 9.59 -9.10 16.02
CA GLU B 225 8.49 -8.47 16.77
C GLU B 225 8.57 -6.95 16.99
N THR B 226 9.78 -6.39 17.08
CA THR B 226 9.95 -4.96 17.29
C THR B 226 9.76 -4.26 15.96
N GLU B 227 10.27 -4.87 14.89
CA GLU B 227 9.98 -4.40 13.54
C GLU B 227 8.48 -4.32 13.26
N ALA B 228 7.77 -5.41 13.56
CA ALA B 228 6.30 -5.38 13.43
C ALA B 228 5.66 -4.24 14.25
N ALA B 229 6.11 -4.08 15.49
CA ALA B 229 5.54 -3.10 16.40
C ALA B 229 5.88 -1.71 15.86
N THR B 230 7.12 -1.49 15.40
CA THR B 230 7.48 -0.20 14.81
C THR B 230 6.66 0.08 13.54
N PHE B 231 6.57 -0.92 12.68
CA PHE B 231 5.71 -0.83 11.53
C PHE B 231 4.25 -0.53 11.91
N ALA B 232 3.66 -1.31 12.82
CA ALA B 232 2.27 -0.98 13.27
C ALA B 232 2.11 0.46 13.83
N ARG B 233 3.04 0.90 14.68
CA ARG B 233 3.04 2.25 15.26
C ARG B 233 3.08 3.29 14.10
N GLU B 234 4.08 3.18 13.21
CA GLU B 234 4.28 4.11 12.10
C GLU B 234 3.15 4.13 11.06
N GLN B 235 2.50 3.03 10.79
CA GLN B 235 1.42 3.00 9.81
C GLN B 235 0.03 3.11 10.49
N GLY B 236 -0.01 3.55 11.74
CA GLY B 236 -1.26 3.78 12.42
C GLY B 236 -2.21 2.59 12.58
N PHE B 237 -1.68 1.44 12.96
CA PHE B 237 -2.50 0.24 13.13
C PHE B 237 -3.38 0.23 14.38
N GLU B 238 -3.06 1.07 15.38
CA GLU B 238 -3.86 1.16 16.61
C GLU B 238 -4.01 -0.21 17.27
N THR B 239 -2.89 -0.94 17.34
CA THR B 239 -2.78 -2.18 18.08
C THR B 239 -1.33 -2.54 18.38
N LYS B 240 -1.12 -3.34 19.43
CA LYS B 240 0.21 -3.89 19.78
C LYS B 240 0.26 -5.39 19.65
N ASP B 241 -0.89 -6.03 19.46
CA ASP B 241 -0.97 -7.46 19.36
C ASP B 241 -0.35 -7.91 18.03
N ILE B 242 0.58 -8.84 18.13
CA ILE B 242 1.37 -9.27 17.02
C ILE B 242 0.52 -9.91 15.95
N LYS B 243 -0.49 -10.67 16.39
CA LYS B 243 -1.36 -11.38 15.47
C LYS B 243 -2.22 -10.40 14.69
N GLU B 244 -2.62 -9.30 15.33
CA GLU B 244 -3.43 -8.29 14.68
C GLU B 244 -2.61 -7.46 13.70
N ILE B 245 -1.31 -7.27 14.01
CA ILE B 245 -0.39 -6.60 13.12
C ILE B 245 -0.09 -7.46 11.88
N ALA B 246 0.09 -8.75 12.07
CA ALA B 246 0.30 -9.65 10.93
C ALA B 246 -0.90 -9.65 9.93
N LYS B 247 -2.11 -9.67 10.48
CA LYS B 247 -3.36 -9.67 9.72
C LYS B 247 -3.58 -8.37 8.92
N LYS B 248 -3.41 -7.21 9.56
CA LYS B 248 -3.55 -5.95 8.83
C LYS B 248 -2.43 -5.77 7.83
N THR B 249 -1.25 -6.28 8.14
CA THR B 249 -0.14 -6.16 7.20
C THR B 249 -0.42 -7.08 6.00
N GLN B 250 -0.96 -8.27 6.27
CA GLN B 250 -1.28 -9.22 5.21
C GLN B 250 -2.29 -8.60 4.21
N ALA B 251 -3.18 -7.74 4.67
CA ALA B 251 -4.34 -7.33 3.86
C ALA B 251 -4.07 -6.06 3.07
N LEU B 252 -2.81 -5.60 3.08
CA LEU B 252 -2.43 -4.39 2.39
C LEU B 252 -2.60 -4.57 0.88
N PRO B 253 -2.93 -3.48 0.17
CA PRO B 253 -3.08 -3.59 -1.24
C PRO B 253 -1.92 -4.40 -1.88
N LYS B 254 -2.29 -5.20 -2.90
CA LYS B 254 -1.42 -6.13 -3.57
C LYS B 254 -1.61 -6.08 -5.08
N MET B 255 -0.50 -6.11 -5.82
CA MET B 255 -0.50 -5.95 -7.25
C MET B 255 -0.85 -7.27 -7.97
N ASN B 256 -0.03 -8.27 -7.71
CA ASN B 256 -0.18 -9.57 -8.28
C ASN B 256 -1.19 -10.31 -7.45
N SER B 257 -2.40 -10.38 -7.97
CA SER B 257 -3.53 -10.95 -7.27
C SER B 257 -3.63 -12.47 -7.44
N LYS B 258 -2.73 -13.04 -8.22
CA LYS B 258 -2.66 -14.50 -8.37
C LYS B 258 -1.99 -15.19 -7.17
N ARG B 259 -1.43 -14.39 -6.26
CA ARG B 259 -0.80 -14.85 -5.01
C ARG B 259 -1.25 -13.99 -3.85
N GLN B 260 -1.78 -14.59 -2.82
CA GLN B 260 -2.17 -13.84 -1.65
C GLN B 260 -0.89 -13.62 -0.81
N ARG B 261 -0.81 -12.50 -0.09
CA ARG B 261 0.37 -12.20 0.67
C ARG B 261 0.41 -13.08 1.90
N ILE B 262 1.63 -13.54 2.23
CA ILE B 262 1.92 -14.21 3.50
C ILE B 262 2.86 -13.34 4.37
N VAL B 263 2.57 -13.22 5.65
CA VAL B 263 3.37 -12.41 6.55
C VAL B 263 3.86 -13.25 7.73
N ILE B 264 5.18 -13.26 7.93
CA ILE B 264 5.81 -14.03 9.00
C ILE B 264 6.65 -13.15 9.89
N PHE B 265 6.28 -13.11 11.17
CA PHE B 265 7.06 -12.44 12.20
C PHE B 265 7.65 -13.47 13.13
N THR B 266 8.98 -13.54 13.19
CA THR B 266 9.62 -14.34 14.23
C THR B 266 9.65 -13.51 15.51
N GLN B 267 9.84 -14.14 16.67
CA GLN B 267 9.76 -13.44 17.99
C GLN B 267 10.80 -13.89 19.04
N GLY B 268 11.95 -14.33 18.58
CA GLY B 268 13.05 -14.61 19.46
C GLY B 268 12.75 -15.97 20.02
N ARG B 269 12.39 -16.01 21.30
CA ARG B 269 11.91 -17.24 21.92
C ARG B 269 10.37 -17.39 21.86
N ASP B 270 9.64 -16.31 21.83
CA ASP B 270 8.20 -16.39 21.57
C ASP B 270 7.94 -17.04 20.22
N ASP B 271 6.68 -17.45 20.00
CA ASP B 271 6.28 -18.17 18.80
C ASP B 271 6.37 -17.30 17.57
N THR B 272 6.57 -17.97 16.44
CA THR B 272 6.59 -17.35 15.14
C THR B 272 5.19 -17.22 14.61
N ILE B 273 4.82 -16.02 14.19
CA ILE B 273 3.46 -15.71 13.79
C ILE B 273 3.31 -15.60 12.27
N MET B 274 2.36 -16.38 11.70
CA MET B 274 2.07 -16.36 10.24
C MET B 274 0.64 -15.97 9.90
N ALA B 275 0.49 -14.95 9.06
CA ALA B 275 -0.81 -14.49 8.60
C ALA B 275 -0.91 -14.81 7.12
N THR B 276 -1.93 -15.58 6.77
CA THR B 276 -2.24 -15.82 5.38
C THR B 276 -3.52 -15.08 5.11
N GLU B 277 -3.96 -15.26 3.87
CA GLU B 277 -5.30 -14.86 3.35
C GLU B 277 -6.44 -15.18 4.34
N SER B 278 -6.37 -16.37 4.93
CA SER B 278 -7.52 -16.92 5.64
C SER B 278 -7.37 -17.16 7.14
N GLU B 279 -6.24 -16.78 7.75
CA GLU B 279 -6.01 -16.98 9.23
C GLU B 279 -4.68 -16.37 9.70
N VAL B 280 -4.52 -16.26 11.03
CA VAL B 280 -3.25 -15.92 11.69
C VAL B 280 -2.95 -17.04 12.69
N THR B 281 -1.76 -17.61 12.68
CA THR B 281 -1.48 -18.76 13.52
C THR B 281 -0.04 -18.74 14.09
N ALA B 282 0.15 -19.24 15.32
CA ALA B 282 1.46 -19.28 16.01
C ALA B 282 2.10 -20.62 15.83
N PHE B 283 3.43 -20.64 15.68
CA PHE B 283 4.26 -21.83 15.69
C PHE B 283 5.41 -21.64 16.71
N ALA B 284 5.47 -22.49 17.73
CA ALA B 284 6.51 -22.42 18.78
C ALA B 284 7.85 -22.75 18.14
N VAL B 285 8.91 -22.25 18.76
CA VAL B 285 10.27 -22.55 18.38
C VAL B 285 10.75 -23.83 19.07
N LEU B 286 11.73 -24.50 18.50
CA LEU B 286 12.52 -25.44 19.31
C LEU B 286 13.96 -25.43 18.84
N ILE B 294 24.14 -16.37 21.95
CA ILE B 294 22.89 -16.14 21.22
C ILE B 294 22.97 -14.92 20.30
N ASP B 295 23.02 -15.19 18.99
CA ASP B 295 22.83 -14.18 17.94
C ASP B 295 21.42 -14.24 17.34
N THR B 296 20.48 -13.52 17.95
CA THR B 296 19.10 -13.55 17.48
C THR B 296 18.95 -12.91 16.10
N ASN B 297 19.76 -11.88 15.81
CA ASN B 297 19.83 -11.26 14.52
C ASN B 297 20.19 -12.26 13.45
N GLY B 298 21.26 -12.99 13.69
CA GLY B 298 21.71 -14.04 12.76
C GLY B 298 20.74 -15.20 12.69
N ALA B 299 20.11 -15.51 13.80
CA ALA B 299 19.11 -16.60 13.84
C ALA B 299 17.94 -16.21 12.96
N GLY B 300 17.53 -14.93 13.04
CA GLY B 300 16.50 -14.41 12.16
C GLY B 300 16.80 -14.57 10.67
N ASP B 301 18.01 -14.19 10.23
CA ASP B 301 18.51 -14.34 8.84
C ASP B 301 18.48 -15.82 8.45
N ALA B 302 18.92 -16.68 9.37
CA ALA B 302 18.94 -18.14 9.10
C ALA B 302 17.52 -18.70 9.01
N PHE B 303 16.61 -18.23 9.87
CA PHE B 303 15.21 -18.61 9.71
C PHE B 303 14.72 -18.38 8.26
N VAL B 304 14.97 -17.20 7.71
CA VAL B 304 14.56 -16.87 6.36
C VAL B 304 15.27 -17.74 5.33
N GLY B 305 16.54 -18.00 5.52
CA GLY B 305 17.24 -18.92 4.63
C GLY B 305 16.60 -20.33 4.66
N GLY B 306 16.21 -20.80 5.83
CA GLY B 306 15.56 -22.10 5.96
C GLY B 306 14.24 -22.10 5.24
N PHE B 307 13.43 -21.11 5.51
CA PHE B 307 12.15 -20.92 4.86
C PHE B 307 12.28 -20.86 3.35
N LEU B 308 13.22 -20.05 2.85
CA LEU B 308 13.42 -19.90 1.39
C LEU B 308 13.78 -21.23 0.77
N SER B 309 14.57 -22.02 1.51
CA SER B 309 15.15 -23.30 1.03
C SER B 309 14.08 -24.29 0.60
N GLN B 310 12.93 -24.27 1.27
CA GLN B 310 11.75 -25.07 0.93
C GLN B 310 10.75 -24.39 -0.01
N LEU B 311 10.60 -23.08 0.11
CA LEU B 311 9.78 -22.29 -0.80
C LEU B 311 10.16 -22.31 -2.30
N VAL B 312 11.45 -22.41 -2.61
CA VAL B 312 11.88 -22.63 -3.99
C VAL B 312 11.34 -23.98 -4.56
N SER B 313 11.01 -24.93 -3.68
CA SER B 313 10.40 -26.21 -4.11
C SER B 313 8.88 -26.18 -4.05
N ASP B 314 8.32 -25.05 -3.63
CA ASP B 314 6.89 -24.88 -3.40
C ASP B 314 6.33 -25.82 -2.31
N LYS B 315 7.15 -26.15 -1.30
CA LYS B 315 6.72 -27.01 -0.19
C LYS B 315 5.62 -26.24 0.55
N PRO B 316 4.84 -26.94 1.38
CA PRO B 316 3.80 -26.22 2.11
C PRO B 316 4.41 -25.17 3.05
N LEU B 317 3.62 -24.13 3.36
CA LEU B 317 4.00 -23.08 4.31
C LEU B 317 4.41 -23.60 5.68
N THR B 318 3.72 -24.61 6.20
CA THR B 318 4.11 -25.26 7.46
C THR B 318 5.53 -25.82 7.39
N GLU B 319 5.90 -26.41 6.27
CA GLU B 319 7.19 -27.05 6.13
C GLU B 319 8.30 -26.00 5.95
N CYS B 320 7.92 -24.86 5.35
CA CYS B 320 8.81 -23.72 5.18
C CYS B 320 9.14 -23.14 6.58
N ILE B 321 8.13 -23.02 7.42
CA ILE B 321 8.28 -22.54 8.80
C ILE B 321 9.12 -23.46 9.65
N ARG B 322 8.85 -24.75 9.58
CA ARG B 322 9.63 -25.77 10.27
C ARG B 322 11.13 -25.79 9.80
N ALA B 323 11.38 -25.70 8.50
CA ALA B 323 12.77 -25.54 8.01
C ALA B 323 13.45 -24.26 8.52
N GLY B 324 12.68 -23.18 8.67
CA GLY B 324 13.25 -21.95 9.15
C GLY B 324 13.68 -22.16 10.59
N HIS B 325 12.77 -22.72 11.37
CA HIS B 325 13.07 -22.98 12.77
C HIS B 325 14.24 -23.90 12.95
N TYR B 326 14.38 -24.84 12.04
CA TYR B 326 15.52 -25.75 12.07
C TYR B 326 16.83 -25.03 11.78
N ALA B 327 16.90 -24.25 10.69
CA ALA B 327 18.16 -23.49 10.36
C ALA B 327 18.54 -22.48 11.43
N ALA B 328 17.56 -21.82 12.03
CA ALA B 328 17.83 -20.88 13.12
C ALA B 328 18.46 -21.56 14.37
N SER B 329 18.09 -22.80 14.69
CA SER B 329 18.66 -23.50 15.85
C SER B 329 20.08 -23.99 15.62
N ILE B 330 20.37 -24.43 14.39
CA ILE B 330 21.72 -24.83 13.99
C ILE B 330 22.70 -23.66 13.90
N ILE B 331 22.48 -22.74 12.95
CA ILE B 331 23.35 -21.55 12.82
C ILE B 331 23.49 -20.75 14.12
N ILE B 332 22.47 -20.78 14.98
CA ILE B 332 22.55 -20.04 16.26
C ILE B 332 23.74 -20.50 17.09
N ARG B 333 24.06 -21.79 17.05
CA ARG B 333 25.17 -22.31 17.89
C ARG B 333 26.55 -22.04 17.28
N ARG B 334 26.68 -22.11 15.96
CA ARG B 334 27.94 -21.78 15.29
C ARG B 334 27.94 -20.29 14.87
N THR B 335 28.86 -19.49 15.41
CA THR B 335 28.92 -18.07 15.03
C THR B 335 29.50 -17.94 13.62
N GLY B 336 28.98 -16.96 12.87
CA GLY B 336 29.35 -16.77 11.47
C GLY B 336 28.64 -17.70 10.51
N CYS B 337 28.99 -17.57 9.23
CA CYS B 337 28.34 -18.34 8.16
C CYS B 337 29.16 -19.50 7.62
N THR B 338 29.68 -20.37 8.46
CA THR B 338 30.11 -21.65 7.90
C THR B 338 29.32 -22.79 8.47
N PHE B 339 29.30 -23.84 7.65
CA PHE B 339 28.42 -24.97 7.80
C PHE B 339 29.29 -26.23 7.63
N PRO B 340 29.88 -26.73 8.74
CA PRO B 340 30.66 -27.95 8.66
C PRO B 340 29.79 -29.18 8.57
N GLU B 341 28.55 -29.08 9.07
CA GLU B 341 27.60 -30.20 9.00
C GLU B 341 26.64 -30.00 7.86
N LYS B 342 25.97 -31.08 7.45
CA LYS B 342 24.94 -30.96 6.43
C LYS B 342 23.56 -30.91 7.10
N PRO B 343 22.57 -30.25 6.46
CA PRO B 343 21.28 -30.20 7.11
C PRO B 343 20.70 -31.58 7.33
N ASP B 344 19.98 -31.70 8.43
CA ASP B 344 19.38 -32.92 8.90
C ASP B 344 17.89 -32.65 9.17
N PHE B 345 17.16 -32.29 8.12
CA PHE B 345 15.75 -31.84 8.20
C PHE B 345 14.88 -32.75 7.33
N HIS B 346 13.77 -33.25 7.91
CA HIS B 346 12.86 -34.15 7.17
C HIS B 346 11.42 -33.86 7.44
MG MG C . -19.69 7.56 -8.78
MG MG D . -22.06 12.35 -0.46
C11 HO4 E . -27.15 5.07 -3.93
C10 HO4 E . -26.54 5.70 -4.62
C7 HO4 E . -25.94 6.45 -5.43
C8 HO4 E . -26.32 7.74 -5.43
C5 HO4 E . -24.89 6.25 -6.26
C6 HO4 E . -24.08 5.18 -6.63
N6 HO4 E . -24.32 3.97 -6.11
N1 HO4 E . -23.10 5.33 -7.50
C2 HO4 E . -22.89 6.60 -8.06
N3 HO4 E . -23.73 7.65 -7.72
C4 HO4 E . -24.67 7.47 -6.81
N9 HO4 E . -25.54 8.36 -6.31
C1' HO4 E . -25.60 9.77 -6.73
O4' HO4 E . -25.43 10.61 -5.63
C4' HO4 E . -25.89 11.93 -6.11
C5' HO4 E . -26.36 12.78 -4.99
O5' HO4 E . -25.19 13.34 -4.48
C3' HO4 E . -27.07 11.62 -7.00
O3' HO4 E . -26.91 12.33 -8.22
C2' HO4 E . -26.97 10.11 -7.22
O2' HO4 E . -27.05 9.85 -8.63
C11 HO4 F . -27.90 21.32 5.12
C10 HO4 F . -27.18 21.83 4.60
C7 HO4 F . -26.10 22.56 4.15
C8 HO4 F . -25.09 22.00 3.53
C5 HO4 F . -25.99 23.90 4.15
C6 HO4 F . -26.73 24.93 4.60
N6 HO4 F . -27.88 24.71 5.26
N1 HO4 F . -26.33 26.20 4.40
C2 HO4 F . -25.14 26.47 3.70
N3 HO4 F . -24.40 25.40 3.24
C4 HO4 F . -24.86 24.16 3.49
N9 HO4 F . -24.33 23.02 3.11
C1' HO4 F . -23.11 23.03 2.41
O4' HO4 F . -23.16 21.82 1.71
C4' HO4 F . -22.07 20.96 2.22
C5' HO4 F . -22.48 19.51 2.03
O5' HO4 F . -23.15 19.05 3.21
C3' HO4 F . -21.90 21.45 3.65
O3' HO4 F . -20.67 21.06 4.22
C2' HO4 F . -21.99 22.96 3.41
O2' HO4 F . -20.85 23.50 2.79
MG MG G . 20.92 -6.85 3.09
MG MG H . 16.62 -9.55 11.72
C11 HO4 I . 22.43 -2.07 10.89
C10 HO4 I . 22.51 -2.87 10.26
C7 HO4 I . 22.71 -3.99 9.50
C8 HO4 I . 22.99 -5.14 10.08
C5 HO4 I . 22.60 -4.14 8.16
C6 HO4 I . 22.36 -3.35 7.07
N6 HO4 I . 22.13 -2.03 7.16
N1 HO4 I . 22.33 -3.84 5.83
C2 HO4 I . 22.57 -5.21 5.64
N3 HO4 I . 22.83 -6.01 6.73
C4 HO4 I . 22.85 -5.45 7.94
N9 HO4 I . 23.09 -6.04 9.10
C1' HO4 I . 23.40 -7.44 9.20
O4' HO4 I . 22.68 -8.02 10.21
C4' HO4 I . 23.30 -9.31 10.24
C5' HO4 I . 22.84 -10.14 11.40
O5' HO4 I . 21.55 -10.58 10.98
C3' HO4 I . 24.75 -8.97 10.42
O3' HO4 I . 25.55 -10.02 9.87
C2' HO4 I . 24.84 -7.65 9.66
O2' HO4 I . 25.75 -7.71 8.55
#